data_3FS7
#
_entry.id   3FS7
#
_cell.length_a   47.644
_cell.length_b   51.560
_cell.length_c   67.633
_cell.angle_alpha   87.42
_cell.angle_beta   85.42
_cell.angle_gamma   87.42
#
_symmetry.space_group_name_H-M   'P 1'
#
loop_
_entity.id
_entity.type
_entity.pdbx_description
1 polymer 'Parvalbumin, thymic'
2 non-polymer 'CALCIUM ION'
3 non-polymer 'SULFATE ION'
4 non-polymer GLYCEROL
5 water water
#
_entity_poly.entity_id   1
_entity_poly.type   'polypeptide(L)'
_entity_poly.pdbx_seq_one_letter_code
;MAITDILSAKDIESALSSCQAADSFNYKSFFSTVGLSSKTPDQIKKVFGILDQDKSGFIEEEELQLFLKNFSSSARVLTS
AETKAFLAAGDTDGDGKIGVEEFQSLVKA
;
_entity_poly.pdbx_strand_id   A,B,C,D,E,F,G,H
#
# COMPACT_ATOMS: atom_id res chain seq x y z
N ALA A 2 10.94 -21.69 -0.10
CA ALA A 2 12.16 -21.13 -0.68
C ALA A 2 13.19 -20.83 0.42
N ILE A 3 14.46 -20.80 0.06
CA ILE A 3 15.52 -20.52 1.02
C ILE A 3 15.39 -19.09 1.58
N THR A 4 14.93 -18.17 0.75
CA THR A 4 14.78 -16.78 1.16
C THR A 4 13.54 -16.57 2.04
N ASP A 5 12.82 -17.64 2.32
CA ASP A 5 11.75 -17.61 3.32
C ASP A 5 12.34 -17.46 4.71
N ILE A 6 13.63 -17.78 4.83
CA ILE A 6 14.28 -17.76 6.14
C ILE A 6 15.57 -16.94 6.12
N LEU A 7 16.19 -16.83 4.95
CA LEU A 7 17.47 -16.14 4.83
C LEU A 7 17.37 -14.94 3.90
N SER A 8 18.14 -13.89 4.21
CA SER A 8 18.15 -12.69 3.38
C SER A 8 19.02 -12.87 2.14
N ALA A 9 18.45 -12.60 0.96
CA ALA A 9 19.22 -12.66 -0.28
C ALA A 9 20.47 -11.79 -0.21
N LYS A 10 20.41 -10.71 0.56
CA LYS A 10 21.56 -9.82 0.71
C LYS A 10 22.68 -10.48 1.50
N ASP A 11 22.33 -11.14 2.59
CA ASP A 11 23.30 -11.91 3.39
C ASP A 11 23.90 -13.03 2.54
N ILE A 12 23.06 -13.68 1.75
CA ILE A 12 23.49 -14.74 0.86
C ILE A 12 24.49 -14.23 -0.17
N GLU A 13 24.22 -13.07 -0.74
CA GLU A 13 25.13 -12.43 -1.69
C GLU A 13 26.51 -12.21 -1.06
N SER A 14 26.53 -11.69 0.16
CA SER A 14 27.77 -11.42 0.87
C SER A 14 28.55 -12.70 1.18
N ALA A 15 27.83 -13.75 1.56
CA ALA A 15 28.45 -15.03 1.88
C ALA A 15 29.07 -15.67 0.63
N LEU A 16 28.42 -15.50 -0.51
CA LEU A 16 28.92 -16.07 -1.76
C LEU A 16 30.15 -15.33 -2.28
N SER A 17 30.14 -14.00 -2.17
CA SER A 17 31.28 -13.21 -2.65
CA SER A 17 31.28 -13.19 -2.62
C SER A 17 32.54 -13.55 -1.82
N SER A 18 32.34 -13.89 -0.57
CA SER A 18 33.46 -14.21 0.31
C SER A 18 34.19 -15.51 -0.10
N CYS A 19 33.43 -16.48 -0.61
CA CYS A 19 34.02 -17.78 -0.92
C CYS A 19 34.02 -18.11 -2.40
N GLN A 20 34.28 -17.12 -3.25
CA GLN A 20 34.29 -17.33 -4.69
C GLN A 20 35.50 -18.14 -5.17
N ALA A 21 36.61 -18.04 -4.46
CA ALA A 21 37.82 -18.76 -4.84
C ALA A 21 37.73 -20.24 -4.46
N ALA A 22 38.27 -21.10 -5.30
CA ALA A 22 38.32 -22.53 -5.00
C ALA A 22 39.09 -22.76 -3.70
N ASP A 23 38.60 -23.69 -2.87
CA ASP A 23 39.19 -24.01 -1.58
C ASP A 23 39.16 -22.84 -0.56
N SER A 24 38.28 -21.88 -0.77
CA SER A 24 38.14 -20.77 0.17
C SER A 24 37.02 -21.06 1.15
N PHE A 25 36.24 -22.09 0.86
CA PHE A 25 35.01 -22.33 1.61
C PHE A 25 35.23 -22.89 3.01
N ASN A 26 34.43 -22.38 3.94
CA ASN A 26 34.40 -22.86 5.32
CA ASN A 26 34.37 -22.95 5.27
C ASN A 26 32.99 -22.72 5.87
N TYR A 27 32.37 -23.82 6.30
CA TYR A 27 30.97 -23.78 6.67
C TYR A 27 30.68 -22.81 7.80
N LYS A 28 31.61 -22.68 8.75
CA LYS A 28 31.38 -21.78 9.88
C LYS A 28 31.24 -20.33 9.45
N SER A 29 32.08 -19.91 8.51
CA SER A 29 32.01 -18.55 7.98
C SER A 29 30.72 -18.34 7.20
N PHE A 30 30.38 -19.30 6.35
CA PHE A 30 29.16 -19.21 5.54
C PHE A 30 27.93 -19.20 6.43
N PHE A 31 27.87 -20.12 7.38
CA PHE A 31 26.73 -20.22 8.28
C PHE A 31 26.45 -18.92 9.03
N SER A 32 27.51 -18.26 9.51
CA SER A 32 27.31 -17.04 10.26
C SER A 32 26.91 -15.88 9.34
N THR A 33 27.52 -15.79 8.17
CA THR A 33 27.21 -14.69 7.26
C THR A 33 25.76 -14.71 6.77
N VAL A 34 25.22 -15.90 6.52
CA VAL A 34 23.83 -16.03 6.12
C VAL A 34 22.88 -16.03 7.31
N GLY A 35 23.44 -16.14 8.52
CA GLY A 35 22.67 -16.00 9.74
C GLY A 35 21.93 -17.25 10.18
N LEU A 36 22.53 -18.41 9.95
CA LEU A 36 21.90 -19.67 10.36
C LEU A 36 21.94 -19.90 11.86
N SER A 37 22.96 -19.33 12.51
CA SER A 37 23.26 -19.65 13.90
C SER A 37 22.13 -19.37 14.88
N SER A 38 21.32 -18.35 14.58
CA SER A 38 20.28 -17.92 15.50
C SER A 38 18.91 -18.53 15.19
N LYS A 39 18.85 -19.41 14.20
CA LYS A 39 17.58 -20.00 13.77
C LYS A 39 17.09 -21.13 14.68
N THR A 40 15.78 -21.34 14.69
CA THR A 40 15.16 -22.37 15.51
C THR A 40 15.14 -23.72 14.78
N PRO A 41 14.84 -24.81 15.50
CA PRO A 41 14.80 -26.14 14.89
C PRO A 41 13.97 -26.21 13.62
N ASP A 42 12.80 -25.56 13.61
CA ASP A 42 11.93 -25.59 12.42
C ASP A 42 12.58 -24.92 11.23
N GLN A 43 13.19 -23.77 11.48
CA GLN A 43 13.87 -23.02 10.43
C GLN A 43 15.06 -23.81 9.89
N ILE A 44 15.82 -24.40 10.80
CA ILE A 44 16.95 -25.24 10.42
C ILE A 44 16.50 -26.46 9.63
N LYS A 45 15.40 -27.08 10.06
CA LYS A 45 14.82 -28.21 9.36
C LYS A 45 14.41 -27.84 7.93
N LYS A 46 13.86 -26.64 7.77
CA LYS A 46 13.46 -26.17 6.44
C LYS A 46 14.68 -25.97 5.54
N VAL A 47 15.72 -25.34 6.08
CA VAL A 47 16.96 -25.17 5.32
C VAL A 47 17.56 -26.53 4.95
N PHE A 48 17.56 -27.45 5.91
CA PHE A 48 18.05 -28.81 5.68
C PHE A 48 17.31 -29.44 4.52
N GLY A 49 15.99 -29.39 4.58
CA GLY A 49 15.13 -29.94 3.55
C GLY A 49 15.48 -29.45 2.16
N ILE A 50 15.89 -28.19 2.06
CA ILE A 50 16.30 -27.62 0.78
C ILE A 50 17.66 -28.17 0.35
N LEU A 51 18.58 -28.24 1.29
CA LEU A 51 19.93 -28.75 1.04
C LEU A 51 19.89 -30.23 0.66
N ASP A 52 19.01 -30.97 1.32
CA ASP A 52 18.69 -32.34 0.96
C ASP A 52 17.92 -32.31 -0.36
N GLN A 53 18.65 -32.13 -1.46
CA GLN A 53 18.02 -31.84 -2.74
C GLN A 53 17.13 -32.96 -3.27
N ASP A 54 17.52 -34.21 -3.02
CA ASP A 54 16.75 -35.34 -3.52
C ASP A 54 15.76 -35.89 -2.49
N LYS A 55 15.63 -35.17 -1.38
CA LYS A 55 14.62 -35.48 -0.37
C LYS A 55 14.77 -36.89 0.21
N SER A 56 16.02 -37.31 0.41
CA SER A 56 16.29 -38.65 0.92
C SER A 56 16.30 -38.67 2.45
N GLY A 57 16.31 -37.49 3.06
CA GLY A 57 16.39 -37.39 4.50
C GLY A 57 17.79 -37.11 5.00
N PHE A 58 18.76 -37.19 4.11
CA PHE A 58 20.15 -36.94 4.49
C PHE A 58 20.81 -36.08 3.43
N ILE A 59 21.83 -35.33 3.82
CA ILE A 59 22.63 -34.63 2.83
C ILE A 59 23.83 -35.49 2.48
N GLU A 60 23.79 -36.10 1.30
CA GLU A 60 24.90 -36.94 0.85
C GLU A 60 26.04 -36.09 0.31
N GLU A 61 27.16 -36.73 0.00
CA GLU A 61 28.37 -36.02 -0.39
C GLU A 61 28.19 -35.12 -1.62
N GLU A 62 27.49 -35.62 -2.62
CA GLU A 62 27.34 -34.85 -3.87
C GLU A 62 26.47 -33.61 -3.66
N GLU A 63 25.66 -33.62 -2.59
CA GLU A 63 24.82 -32.48 -2.29
C GLU A 63 25.61 -31.42 -1.53
N LEU A 64 26.53 -31.85 -0.68
CA LEU A 64 27.46 -30.92 -0.07
C LEU A 64 28.25 -30.24 -1.18
N GLN A 65 28.55 -31.01 -2.22
CA GLN A 65 29.25 -30.49 -3.38
C GLN A 65 28.46 -29.32 -3.98
N LEU A 66 27.14 -29.47 -4.05
CA LEU A 66 26.25 -28.47 -4.62
C LEU A 66 25.70 -27.53 -3.54
N PHE A 67 26.43 -27.41 -2.43
CA PHE A 67 25.95 -26.60 -1.31
C PHE A 67 25.61 -25.17 -1.71
N LEU A 68 26.52 -24.52 -2.43
CA LEU A 68 26.34 -23.12 -2.82
C LEU A 68 25.21 -22.96 -3.84
N LYS A 69 24.97 -24.00 -4.62
CA LYS A 69 23.97 -23.97 -5.67
C LYS A 69 22.57 -23.73 -5.11
N ASN A 70 22.38 -24.07 -3.84
CA ASN A 70 21.09 -23.84 -3.19
C ASN A 70 20.83 -22.36 -2.97
N PHE A 71 21.89 -21.58 -2.96
CA PHE A 71 21.79 -20.15 -2.67
C PHE A 71 21.87 -19.31 -3.93
N SER A 72 22.52 -19.85 -4.96
CA SER A 72 22.63 -19.19 -6.25
C SER A 72 23.02 -20.19 -7.33
N SER A 73 22.22 -20.25 -8.38
CA SER A 73 22.44 -21.21 -9.46
C SER A 73 23.72 -20.93 -10.25
N SER A 74 24.29 -19.75 -10.06
CA SER A 74 25.54 -19.40 -10.74
C SER A 74 26.75 -19.65 -9.86
N ALA A 75 26.50 -19.93 -8.59
CA ALA A 75 27.57 -20.20 -7.64
C ALA A 75 28.36 -21.44 -8.04
N ARG A 76 29.63 -21.50 -7.62
CA ARG A 76 30.50 -22.60 -7.99
C ARG A 76 30.20 -23.88 -7.23
N VAL A 77 30.57 -25.00 -7.81
CA VAL A 77 30.53 -26.28 -7.12
C VAL A 77 31.72 -26.33 -6.17
N LEU A 78 31.51 -26.85 -4.96
CA LEU A 78 32.62 -27.01 -4.01
C LEU A 78 33.61 -28.05 -4.52
N THR A 79 34.88 -27.87 -4.17
CA THR A 79 35.92 -28.80 -4.57
C THR A 79 35.81 -30.09 -3.77
N SER A 80 36.53 -31.12 -4.21
CA SER A 80 36.54 -32.39 -3.49
C SER A 80 37.08 -32.21 -2.07
N ALA A 81 38.14 -31.41 -1.95
CA ALA A 81 38.71 -31.12 -0.64
C ALA A 81 37.72 -30.40 0.26
N GLU A 82 37.08 -29.35 -0.26
CA GLU A 82 36.09 -28.61 0.51
C GLU A 82 34.96 -29.52 0.96
N THR A 83 34.48 -30.35 0.04
CA THR A 83 33.41 -31.29 0.33
C THR A 83 33.85 -32.26 1.41
N LYS A 84 35.04 -32.82 1.26
CA LYS A 84 35.57 -33.79 2.22
C LYS A 84 35.62 -33.21 3.62
N ALA A 85 36.11 -31.98 3.73
CA ALA A 85 36.25 -31.33 5.03
C ALA A 85 34.87 -31.03 5.61
N PHE A 86 33.95 -30.64 4.73
CA PHE A 86 32.58 -30.30 5.13
C PHE A 86 31.94 -31.54 5.73
N LEU A 87 31.97 -32.63 4.98
CA LEU A 87 31.41 -33.89 5.43
C LEU A 87 32.07 -34.34 6.72
N ALA A 88 33.38 -34.17 6.81
CA ALA A 88 34.13 -34.57 7.99
C ALA A 88 33.61 -33.84 9.23
N ALA A 89 33.32 -32.56 9.05
CA ALA A 89 32.84 -31.73 10.16
C ALA A 89 31.46 -32.17 10.63
N GLY A 90 30.57 -32.44 9.69
CA GLY A 90 29.17 -32.69 10.01
C GLY A 90 28.80 -34.13 10.32
N ASP A 91 29.50 -35.07 9.69
CA ASP A 91 29.16 -36.49 9.78
C ASP A 91 29.61 -37.13 11.10
N THR A 92 28.88 -36.83 12.17
CA THR A 92 29.22 -37.30 13.52
C THR A 92 29.29 -38.82 13.66
N ASP A 93 28.26 -39.51 13.16
CA ASP A 93 28.16 -40.96 13.36
C ASP A 93 28.86 -41.76 12.26
N GLY A 94 29.44 -41.06 11.30
CA GLY A 94 30.28 -41.69 10.29
C GLY A 94 29.62 -42.59 9.27
N ASP A 95 28.32 -42.40 9.04
CA ASP A 95 27.61 -43.19 8.03
C ASP A 95 27.78 -42.59 6.63
N GLY A 96 28.66 -41.60 6.52
CA GLY A 96 29.00 -41.02 5.23
C GLY A 96 28.05 -39.95 4.71
N LYS A 97 27.05 -39.59 5.50
CA LYS A 97 26.11 -38.55 5.09
C LYS A 97 25.80 -37.61 6.26
N ILE A 98 24.98 -36.60 6.02
CA ILE A 98 24.62 -35.67 7.09
C ILE A 98 23.11 -35.67 7.33
N GLY A 99 22.70 -36.10 8.51
CA GLY A 99 21.29 -36.15 8.88
C GLY A 99 20.87 -34.83 9.51
N VAL A 100 19.58 -34.68 9.79
CA VAL A 100 19.06 -33.40 10.31
C VAL A 100 19.60 -33.07 11.70
N GLU A 101 19.75 -34.10 12.54
CA GLU A 101 20.30 -33.92 13.87
C GLU A 101 21.75 -33.42 13.80
N GLU A 102 22.54 -34.02 12.93
CA GLU A 102 23.92 -33.57 12.72
C GLU A 102 23.98 -32.17 12.14
N PHE A 103 23.07 -31.86 11.23
CA PHE A 103 23.06 -30.54 10.62
C PHE A 103 22.75 -29.51 11.69
N GLN A 104 21.73 -29.80 12.50
CA GLN A 104 21.35 -28.94 13.62
C GLN A 104 22.53 -28.67 14.55
N SER A 105 23.24 -29.74 14.91
CA SER A 105 24.39 -29.62 15.80
C SER A 105 25.45 -28.71 15.19
N LEU A 106 25.67 -28.88 13.89
CA LEU A 106 26.66 -28.10 13.18
C LEU A 106 26.27 -26.62 13.21
N VAL A 107 24.99 -26.34 13.08
CA VAL A 107 24.50 -24.96 13.07
C VAL A 107 24.63 -24.32 14.44
N LYS A 108 24.37 -25.12 15.48
CA LYS A 108 24.36 -24.62 16.85
C LYS A 108 25.66 -24.96 17.56
N ALA A 109 26.77 -24.94 16.83
CA ALA A 109 28.08 -25.22 17.39
C ALA A 109 28.99 -24.01 17.30
N ALA B 2 7.92 -17.60 12.61
CA ALA B 2 7.11 -17.12 11.50
C ALA B 2 6.46 -18.29 10.77
N ILE B 3 5.26 -18.06 10.24
CA ILE B 3 4.51 -19.09 9.54
C ILE B 3 5.33 -19.69 8.39
N THR B 4 6.18 -18.87 7.78
CA THR B 4 7.00 -19.30 6.65
C THR B 4 8.21 -20.14 7.07
N ASP B 5 8.34 -20.41 8.36
CA ASP B 5 9.36 -21.36 8.82
C ASP B 5 8.88 -22.77 8.49
N ILE B 6 7.58 -22.88 8.29
CA ILE B 6 6.91 -24.17 8.11
C ILE B 6 6.28 -24.28 6.72
N LEU B 7 5.60 -23.22 6.32
CA LEU B 7 4.94 -23.19 5.02
C LEU B 7 5.74 -22.40 4.01
N SER B 8 5.47 -22.65 2.73
CA SER B 8 6.08 -21.91 1.64
C SER B 8 5.37 -20.58 1.39
N ALA B 9 6.14 -19.51 1.22
CA ALA B 9 5.59 -18.21 0.90
C ALA B 9 4.81 -18.28 -0.41
N LYS B 10 5.37 -18.98 -1.39
CA LYS B 10 4.73 -19.22 -2.67
C LYS B 10 3.36 -19.90 -2.52
N ASP B 11 3.32 -20.99 -1.75
CA ASP B 11 2.08 -21.73 -1.53
C ASP B 11 1.04 -20.86 -0.81
N ILE B 12 1.50 -20.05 0.14
CA ILE B 12 0.60 -19.15 0.84
C ILE B 12 -0.09 -18.20 -0.16
N GLU B 13 0.70 -17.58 -1.02
CA GLU B 13 0.14 -16.70 -2.04
C GLU B 13 -0.85 -17.47 -2.91
N SER B 14 -0.49 -18.69 -3.28
CA SER B 14 -1.36 -19.55 -4.07
CA SER B 14 -1.37 -19.53 -4.07
C SER B 14 -2.69 -19.78 -3.37
N ALA B 15 -2.63 -20.10 -2.08
CA ALA B 15 -3.84 -20.37 -1.30
C ALA B 15 -4.72 -19.12 -1.14
N LEU B 16 -4.07 -17.96 -0.98
CA LEU B 16 -4.81 -16.72 -0.84
C LEU B 16 -5.56 -16.40 -2.11
N SER B 17 -4.88 -16.44 -3.24
CA SER B 17 -5.52 -16.14 -4.50
C SER B 17 -6.69 -17.08 -4.79
N SER B 18 -6.60 -18.32 -4.30
CA SER B 18 -7.63 -19.32 -4.58
C SER B 18 -8.93 -19.17 -3.79
N CYS B 19 -8.90 -18.38 -2.72
CA CYS B 19 -10.12 -18.10 -1.97
C CYS B 19 -10.40 -16.60 -1.91
N GLN B 20 -9.93 -15.88 -2.93
CA GLN B 20 -10.13 -14.44 -3.02
C GLN B 20 -11.62 -14.07 -3.01
N ALA B 21 -12.43 -14.88 -3.70
CA ALA B 21 -13.86 -14.60 -3.81
C ALA B 21 -14.61 -14.95 -2.54
N ALA B 22 -15.57 -14.10 -2.16
CA ALA B 22 -16.36 -14.34 -0.95
C ALA B 22 -17.05 -15.72 -0.98
N ASP B 23 -17.01 -16.40 0.16
CA ASP B 23 -17.60 -17.73 0.32
C ASP B 23 -16.92 -18.82 -0.52
N SER B 24 -15.70 -18.55 -0.96
CA SER B 24 -14.95 -19.56 -1.68
C SER B 24 -13.90 -20.19 -0.78
N PHE B 25 -13.86 -19.77 0.48
CA PHE B 25 -12.90 -20.32 1.43
C PHE B 25 -13.39 -21.61 2.08
N ASN B 26 -12.47 -22.56 2.19
CA ASN B 26 -12.70 -23.79 2.94
C ASN B 26 -11.39 -24.21 3.60
N TYR B 27 -11.40 -24.37 4.92
CA TYR B 27 -10.19 -24.73 5.66
C TYR B 27 -9.49 -25.91 4.98
N LYS B 28 -10.29 -26.88 4.54
CA LYS B 28 -9.76 -28.09 3.91
C LYS B 28 -8.90 -27.75 2.69
N SER B 29 -9.48 -27.01 1.75
CA SER B 29 -8.77 -26.62 0.53
C SER B 29 -7.58 -25.70 0.82
N PHE B 30 -7.76 -24.78 1.77
CA PHE B 30 -6.69 -23.85 2.10
C PHE B 30 -5.50 -24.61 2.71
N PHE B 31 -5.80 -25.52 3.63
CA PHE B 31 -4.76 -26.30 4.29
C PHE B 31 -3.97 -27.13 3.30
N SER B 32 -4.66 -27.68 2.30
CA SER B 32 -3.99 -28.51 1.30
CA SER B 32 -4.00 -28.51 1.29
C SER B 32 -3.08 -27.69 0.39
N THR B 33 -3.59 -26.56 -0.10
CA THR B 33 -2.81 -25.72 -1.01
C THR B 33 -1.61 -25.09 -0.30
N VAL B 34 -1.84 -24.57 0.89
CA VAL B 34 -0.78 -23.93 1.66
C VAL B 34 0.21 -24.98 2.19
N GLY B 35 -0.19 -26.25 2.15
CA GLY B 35 0.70 -27.34 2.49
C GLY B 35 0.68 -27.79 3.94
N LEU B 36 -0.25 -27.27 4.73
CA LEU B 36 -0.31 -27.56 6.15
C LEU B 36 -0.67 -29.03 6.44
N SER B 37 -1.43 -29.64 5.55
CA SER B 37 -1.95 -30.98 5.79
C SER B 37 -0.87 -32.05 5.89
N SER B 38 0.28 -31.82 5.26
CA SER B 38 1.36 -32.80 5.25
C SER B 38 2.32 -32.66 6.42
N LYS B 39 2.16 -31.60 7.21
CA LYS B 39 3.09 -31.30 8.29
C LYS B 39 2.91 -32.19 9.52
N THR B 40 3.91 -32.22 10.39
CA THR B 40 3.86 -33.03 11.60
C THR B 40 3.18 -32.27 12.74
N PRO B 41 2.71 -33.01 13.76
CA PRO B 41 2.03 -32.41 14.92
C PRO B 41 2.84 -31.28 15.55
N ASP B 42 4.16 -31.44 15.61
CA ASP B 42 5.00 -30.42 16.21
C ASP B 42 5.08 -29.17 15.33
N GLN B 43 5.05 -29.37 14.02
CA GLN B 43 5.03 -28.24 13.10
C GLN B 43 3.68 -27.52 13.17
N ILE B 44 2.61 -28.30 13.12
CA ILE B 44 1.25 -27.76 13.23
C ILE B 44 1.10 -26.97 14.53
N LYS B 45 1.76 -27.45 15.57
CA LYS B 45 1.68 -26.82 16.89
C LYS B 45 2.27 -25.41 16.85
N LYS B 46 3.34 -25.24 16.08
CA LYS B 46 3.95 -23.94 15.91
C LYS B 46 3.04 -22.99 15.14
N VAL B 47 2.40 -23.53 14.11
CA VAL B 47 1.43 -22.75 13.33
C VAL B 47 0.30 -22.26 14.23
N PHE B 48 -0.16 -23.13 15.12
CA PHE B 48 -1.23 -22.79 16.06
C PHE B 48 -0.85 -21.58 16.90
N GLY B 49 0.39 -21.55 17.39
CA GLY B 49 0.88 -20.48 18.22
C GLY B 49 0.76 -19.11 17.56
N ILE B 50 1.00 -19.06 16.26
CA ILE B 50 0.86 -17.81 15.52
C ILE B 50 -0.61 -17.42 15.36
N LEU B 51 -1.44 -18.37 14.92
CA LEU B 51 -2.86 -18.12 14.72
C LEU B 51 -3.54 -17.67 16.01
N ASP B 52 -3.04 -18.17 17.14
CA ASP B 52 -3.48 -17.73 18.46
C ASP B 52 -2.78 -16.42 18.80
N GLN B 53 -3.15 -15.36 18.10
CA GLN B 53 -2.43 -14.09 18.18
C GLN B 53 -2.42 -13.43 19.55
N ASP B 54 -3.52 -13.55 20.29
CA ASP B 54 -3.58 -12.91 21.61
C ASP B 54 -3.05 -13.83 22.70
N LYS B 55 -2.54 -14.99 22.28
CA LYS B 55 -1.89 -15.92 23.21
C LYS B 55 -2.85 -16.36 24.32
N SER B 56 -4.02 -16.83 23.94
CA SER B 56 -5.03 -17.22 24.91
C SER B 56 -5.08 -18.74 25.09
N GLY B 57 -4.34 -19.46 24.26
CA GLY B 57 -4.33 -20.91 24.29
C GLY B 57 -5.33 -21.55 23.33
N PHE B 58 -6.17 -20.73 22.72
CA PHE B 58 -7.21 -21.22 21.84
C PHE B 58 -7.39 -20.30 20.65
N ILE B 59 -7.86 -20.82 19.52
CA ILE B 59 -8.19 -19.95 18.42
C ILE B 59 -9.67 -19.61 18.54
N GLU B 60 -9.97 -18.36 18.84
CA GLU B 60 -11.35 -17.94 19.00
C GLU B 60 -11.98 -17.62 17.63
N GLU B 61 -13.30 -17.44 17.62
CA GLU B 61 -14.04 -17.21 16.38
C GLU B 61 -13.49 -16.03 15.56
N GLU B 62 -13.18 -14.91 16.21
CA GLU B 62 -12.65 -13.75 15.51
C GLU B 62 -11.28 -14.04 14.88
N GLU B 63 -10.48 -14.88 15.52
CA GLU B 63 -9.20 -15.24 14.96
C GLU B 63 -9.36 -16.15 13.75
N LEU B 64 -10.51 -16.84 13.69
CA LEU B 64 -10.86 -17.61 12.50
C LEU B 64 -11.35 -16.68 11.39
N GLN B 65 -12.21 -15.74 11.75
CA GLN B 65 -12.75 -14.81 10.77
C GLN B 65 -11.63 -13.96 10.16
N LEU B 66 -10.63 -13.64 10.97
CA LEU B 66 -9.49 -12.86 10.48
C LEU B 66 -8.31 -13.76 10.16
N PHE B 67 -8.61 -15.03 9.92
CA PHE B 67 -7.61 -16.07 9.66
C PHE B 67 -6.55 -15.66 8.63
N LEU B 68 -7.00 -15.07 7.52
CA LEU B 68 -6.11 -14.74 6.41
C LEU B 68 -5.18 -13.56 6.73
N LYS B 69 -5.55 -12.76 7.73
CA LYS B 69 -4.70 -11.65 8.16
C LYS B 69 -3.33 -12.14 8.66
N ASN B 70 -3.25 -13.41 9.05
CA ASN B 70 -1.99 -13.98 9.50
C ASN B 70 -0.96 -14.03 8.38
N PHE B 71 -1.46 -14.13 7.16
CA PHE B 71 -0.61 -14.30 5.98
C PHE B 71 -0.34 -12.97 5.27
N SER B 72 -1.26 -12.03 5.41
CA SER B 72 -1.12 -10.71 4.81
C SER B 72 -2.06 -9.71 5.45
N SER B 73 -1.51 -8.58 5.91
CA SER B 73 -2.32 -7.57 6.56
C SER B 73 -3.38 -6.98 5.62
N SER B 74 -3.26 -7.29 4.32
CA SER B 74 -4.20 -6.76 3.34
C SER B 74 -5.21 -7.80 2.86
N ALA B 75 -5.20 -8.97 3.47
CA ALA B 75 -6.08 -10.06 3.05
C ALA B 75 -7.51 -9.81 3.49
N ARG B 76 -8.47 -10.44 2.81
CA ARG B 76 -9.87 -10.24 3.14
C ARG B 76 -10.27 -10.95 4.43
N VAL B 77 -11.30 -10.41 5.08
CA VAL B 77 -11.92 -11.05 6.22
C VAL B 77 -12.86 -12.15 5.72
N LEU B 78 -12.93 -13.27 6.44
CA LEU B 78 -13.82 -14.36 6.05
C LEU B 78 -15.27 -13.96 6.28
N THR B 79 -16.17 -14.48 5.46
CA THR B 79 -17.59 -14.21 5.66
C THR B 79 -18.06 -14.96 6.91
N SER B 80 -19.25 -14.64 7.39
CA SER B 80 -19.75 -15.29 8.59
C SER B 80 -20.02 -16.77 8.34
N ALA B 81 -20.42 -17.10 7.12
CA ALA B 81 -20.60 -18.49 6.72
C ALA B 81 -19.26 -19.22 6.72
N GLU B 82 -18.27 -18.62 6.10
CA GLU B 82 -16.93 -19.23 6.07
C GLU B 82 -16.38 -19.43 7.48
N THR B 83 -16.63 -18.46 8.35
CA THR B 83 -16.14 -18.51 9.73
C THR B 83 -16.77 -19.65 10.53
N LYS B 84 -18.10 -19.71 10.51
CA LYS B 84 -18.84 -20.72 11.26
C LYS B 84 -18.52 -22.15 10.81
N ALA B 85 -18.27 -22.33 9.52
CA ALA B 85 -17.94 -23.63 8.96
C ALA B 85 -16.55 -24.07 9.42
N PHE B 86 -15.61 -23.14 9.36
CA PHE B 86 -14.26 -23.35 9.86
C PHE B 86 -14.33 -23.79 11.32
N LEU B 87 -15.13 -23.06 12.09
CA LEU B 87 -15.28 -23.31 13.51
C LEU B 87 -15.96 -24.66 13.80
N ALA B 88 -17.02 -24.96 13.07
CA ALA B 88 -17.78 -26.19 13.29
C ALA B 88 -16.92 -27.41 13.01
N ALA B 89 -16.10 -27.33 11.97
CA ALA B 89 -15.23 -28.43 11.59
C ALA B 89 -14.19 -28.76 12.66
N GLY B 90 -13.77 -27.75 13.43
CA GLY B 90 -12.67 -27.92 14.36
C GLY B 90 -13.08 -28.00 15.83
N ASP B 91 -14.20 -27.35 16.17
CA ASP B 91 -14.65 -27.32 17.56
C ASP B 91 -15.44 -28.58 17.88
N THR B 92 -14.80 -29.52 18.59
CA THR B 92 -15.43 -30.79 18.90
C THR B 92 -15.98 -30.85 20.32
N ASP B 93 -15.33 -30.16 21.26
CA ASP B 93 -15.82 -30.12 22.63
C ASP B 93 -16.81 -28.97 22.82
N GLY B 94 -17.14 -28.31 21.71
CA GLY B 94 -18.18 -27.30 21.67
C GLY B 94 -18.14 -26.19 22.69
N ASP B 95 -16.97 -25.57 22.87
CA ASP B 95 -16.87 -24.40 23.73
C ASP B 95 -16.76 -23.12 22.91
N GLY B 96 -16.88 -23.25 21.60
CA GLY B 96 -16.91 -22.10 20.70
C GLY B 96 -15.54 -21.60 20.29
N LYS B 97 -14.52 -22.40 20.54
CA LYS B 97 -13.16 -22.06 20.12
C LYS B 97 -12.40 -23.32 19.74
N ILE B 98 -11.15 -23.19 19.32
CA ILE B 98 -10.37 -24.33 18.90
C ILE B 98 -9.06 -24.41 19.67
N GLY B 99 -8.86 -25.49 20.41
CA GLY B 99 -7.63 -25.72 21.14
C GLY B 99 -6.62 -26.43 20.26
N VAL B 100 -5.38 -26.51 20.73
CA VAL B 100 -4.32 -27.10 19.91
C VAL B 100 -4.66 -28.53 19.47
N GLU B 101 -5.18 -29.34 20.38
CA GLU B 101 -5.55 -30.71 20.06
C GLU B 101 -6.56 -30.73 18.91
N GLU B 102 -7.57 -29.87 19.01
CA GLU B 102 -8.59 -29.77 17.98
C GLU B 102 -8.01 -29.29 16.65
N PHE B 103 -7.06 -28.38 16.72
CA PHE B 103 -6.42 -27.85 15.52
C PHE B 103 -5.58 -28.92 14.82
N GLN B 104 -4.78 -29.65 15.57
CA GLN B 104 -4.01 -30.76 15.01
C GLN B 104 -4.95 -31.78 14.38
N SER B 105 -6.04 -32.08 15.07
CA SER B 105 -7.03 -33.02 14.55
C SER B 105 -7.65 -32.48 13.26
N LEU B 106 -7.95 -31.19 13.25
CA LEU B 106 -8.55 -30.56 12.08
C LEU B 106 -7.63 -30.64 10.87
N VAL B 107 -6.36 -30.34 11.09
CA VAL B 107 -5.37 -30.32 10.01
C VAL B 107 -5.22 -31.71 9.38
N LYS B 108 -5.32 -32.75 10.19
CA LYS B 108 -5.26 -34.12 9.69
C LYS B 108 -6.66 -34.60 9.31
N ALA C 2 -5.54 -9.87 15.06
CA ALA C 2 -4.84 -9.35 13.89
C ALA C 2 -4.11 -8.06 14.23
N ILE C 3 -2.91 -7.90 13.70
CA ILE C 3 -2.11 -6.72 14.00
C ILE C 3 -2.77 -5.47 13.41
N THR C 4 -3.59 -5.65 12.38
CA THR C 4 -4.33 -4.54 11.80
C THR C 4 -5.49 -4.08 12.67
N ASP C 5 -5.69 -4.78 13.79
CA ASP C 5 -6.74 -4.39 14.74
C ASP C 5 -6.26 -3.19 15.55
N ILE C 6 -4.95 -2.98 15.56
CA ILE C 6 -4.36 -1.90 16.33
C ILE C 6 -3.61 -0.93 15.41
N LEU C 7 -2.76 -1.49 14.56
CA LEU C 7 -2.05 -0.70 13.56
C LEU C 7 -2.90 -0.58 12.30
N SER C 8 -2.82 0.57 11.65
CA SER C 8 -3.56 0.80 10.41
C SER C 8 -2.98 -0.01 9.25
N ALA C 9 -3.87 -0.67 8.51
CA ALA C 9 -3.46 -1.39 7.30
C ALA C 9 -2.72 -0.46 6.34
N LYS C 10 -3.24 0.75 6.19
CA LYS C 10 -2.67 1.73 5.29
C LYS C 10 -1.25 2.11 5.76
N ASP C 11 -1.10 2.26 7.07
CA ASP C 11 0.19 2.63 7.64
C ASP C 11 1.22 1.52 7.46
N ILE C 12 0.74 0.29 7.55
CA ILE C 12 1.59 -0.89 7.34
C ILE C 12 2.09 -0.94 5.90
N GLU C 13 1.21 -0.61 4.96
CA GLU C 13 1.61 -0.48 3.56
C GLU C 13 2.71 0.56 3.40
N SER C 14 2.53 1.72 4.03
CA SER C 14 3.53 2.78 3.95
CA SER C 14 3.53 2.78 3.96
C SER C 14 4.86 2.32 4.55
N ALA C 15 4.78 1.68 5.71
CA ALA C 15 5.96 1.20 6.42
C ALA C 15 6.72 0.13 5.63
N LEU C 16 5.99 -0.79 5.00
CA LEU C 16 6.60 -1.83 4.20
C LEU C 16 7.24 -1.28 2.93
N SER C 17 6.59 -0.27 2.35
CA SER C 17 7.14 0.38 1.16
C SER C 17 8.50 1.00 1.48
N SER C 18 8.56 1.69 2.61
CA SER C 18 9.76 2.43 3.01
C SER C 18 10.99 1.54 3.21
N CYS C 19 10.78 0.30 3.64
CA CYS C 19 11.91 -0.59 3.92
C CYS C 19 12.01 -1.77 2.95
N GLN C 20 11.44 -1.62 1.76
CA GLN C 20 11.36 -2.72 0.81
C GLN C 20 12.73 -3.18 0.32
N ALA C 21 13.66 -2.24 0.14
CA ALA C 21 14.99 -2.60 -0.31
C ALA C 21 15.85 -3.11 0.84
N ALA C 22 16.64 -4.15 0.59
CA ALA C 22 17.55 -4.66 1.61
C ALA C 22 18.48 -3.53 2.06
N ASP C 23 18.74 -3.47 3.36
CA ASP C 23 19.57 -2.41 3.97
C ASP C 23 18.76 -1.19 4.39
N SER C 24 17.52 -1.07 3.93
CA SER C 24 16.76 0.16 4.15
C SER C 24 15.84 0.11 5.37
N PHE C 25 15.88 -0.98 6.12
CA PHE C 25 15.05 -1.08 7.31
C PHE C 25 15.62 -0.31 8.49
N ASN C 26 14.73 0.36 9.22
CA ASN C 26 15.04 1.01 10.48
C ASN C 26 13.82 0.88 11.38
N TYR C 27 14.00 0.41 12.62
CA TYR C 27 12.87 0.25 13.53
C TYR C 27 12.19 1.59 13.73
N LYS C 28 13.00 2.65 13.84
CA LYS C 28 12.49 3.99 14.12
C LYS C 28 11.45 4.44 13.10
N SER C 29 11.83 4.46 11.83
CA SER C 29 10.93 4.91 10.78
C SER C 29 9.73 3.96 10.64
N PHE C 30 9.94 2.68 10.87
CA PHE C 30 8.84 1.72 10.81
C PHE C 30 7.84 2.01 11.92
N PHE C 31 8.34 2.12 13.15
CA PHE C 31 7.50 2.41 14.31
C PHE C 31 6.77 3.74 14.14
N SER C 32 7.46 4.75 13.62
CA SER C 32 6.84 6.06 13.44
CA SER C 32 6.85 6.07 13.42
C SER C 32 5.71 6.02 12.42
N THR C 33 5.94 5.34 11.30
CA THR C 33 4.94 5.25 10.24
C THR C 33 3.63 4.58 10.69
N VAL C 34 3.73 3.55 11.51
CA VAL C 34 2.56 2.84 12.01
C VAL C 34 2.06 3.44 13.32
N GLY C 35 2.78 4.44 13.82
CA GLY C 35 2.35 5.19 14.99
C GLY C 35 2.25 4.38 16.26
N LEU C 36 3.23 3.52 16.52
CA LEU C 36 3.22 2.69 17.72
C LEU C 36 3.26 3.46 19.02
N SER C 37 3.99 4.57 19.04
CA SER C 37 4.13 5.36 20.27
C SER C 37 2.79 5.99 20.71
N SER C 38 1.88 6.16 19.77
CA SER C 38 0.59 6.78 20.08
C SER C 38 -0.41 5.81 20.69
N LYS C 39 -0.09 4.52 20.65
CA LYS C 39 -1.01 3.51 21.15
C LYS C 39 -0.95 3.38 22.66
N THR C 40 -2.00 2.83 23.26
CA THR C 40 -2.04 2.63 24.70
C THR C 40 -1.02 1.57 25.09
N PRO C 41 -0.47 1.67 26.31
CA PRO C 41 0.50 0.66 26.77
C PRO C 41 -0.07 -0.74 26.60
N ASP C 42 -1.37 -0.90 26.83
CA ASP C 42 -2.04 -2.17 26.64
C ASP C 42 -2.01 -2.59 25.18
N GLN C 43 -2.17 -1.63 24.27
CA GLN C 43 -2.09 -1.94 22.85
C GLN C 43 -0.69 -2.32 22.42
N ILE C 44 0.31 -1.60 22.93
CA ILE C 44 1.70 -1.93 22.63
C ILE C 44 2.06 -3.33 23.10
N LYS C 45 1.55 -3.71 24.28
CA LYS C 45 1.77 -5.05 24.79
C LYS C 45 1.12 -6.11 23.87
N LYS C 46 -0.04 -5.78 23.31
CA LYS C 46 -0.71 -6.69 22.38
C LYS C 46 0.08 -6.85 21.09
N VAL C 47 0.61 -5.74 20.58
CA VAL C 47 1.46 -5.79 19.40
C VAL C 47 2.70 -6.64 19.69
N PHE C 48 3.27 -6.45 20.87
CA PHE C 48 4.40 -7.26 21.31
C PHE C 48 4.05 -8.74 21.23
N GLY C 49 2.90 -9.10 21.78
CA GLY C 49 2.45 -10.49 21.80
C GLY C 49 2.42 -11.12 20.43
N ILE C 50 2.11 -10.31 19.42
CA ILE C 50 2.08 -10.80 18.04
C ILE C 50 3.49 -10.97 17.49
N LEU C 51 4.34 -9.98 17.70
CA LEU C 51 5.74 -10.04 17.24
C LEU C 51 6.46 -11.22 17.89
N ASP C 52 6.10 -11.49 19.15
CA ASP C 52 6.59 -12.67 19.85
C ASP C 52 5.89 -13.88 19.26
N GLN C 53 6.30 -14.25 18.05
CA GLN C 53 5.57 -15.23 17.26
C GLN C 53 5.40 -16.59 17.94
N ASP C 54 6.47 -17.09 18.54
CA ASP C 54 6.38 -18.39 19.22
C ASP C 54 5.91 -18.24 20.66
N LYS C 55 5.49 -17.03 21.01
CA LYS C 55 4.86 -16.74 22.30
C LYS C 55 5.73 -17.18 23.48
N SER C 56 7.01 -16.86 23.42
CA SER C 56 7.96 -17.29 24.45
C SER C 56 8.12 -16.25 25.56
N GLY C 57 7.59 -15.06 25.33
CA GLY C 57 7.73 -13.97 26.28
C GLY C 57 8.81 -12.97 25.88
N PHE C 58 9.54 -13.28 24.81
CA PHE C 58 10.60 -12.40 24.33
C PHE C 58 10.60 -12.37 22.82
N ILE C 59 10.99 -11.26 22.22
CA ILE C 59 11.26 -11.27 20.79
C ILE C 59 12.72 -11.66 20.59
N GLU C 60 12.95 -12.90 20.16
CA GLU C 60 14.32 -13.37 19.95
C GLU C 60 14.89 -12.80 18.65
N GLU C 61 16.20 -12.92 18.48
CA GLU C 61 16.87 -12.35 17.30
C GLU C 61 16.24 -12.78 15.98
N GLU C 62 15.87 -14.05 15.85
CA GLU C 62 15.31 -14.54 14.60
C GLU C 62 13.95 -13.90 14.32
N GLU C 63 13.21 -13.60 15.38
CA GLU C 63 11.91 -12.96 15.24
C GLU C 63 12.03 -11.49 14.85
N LEU C 64 13.18 -10.91 15.15
CA LEU C 64 13.47 -9.55 14.72
C LEU C 64 13.88 -9.57 13.25
N GLN C 65 14.68 -10.56 12.89
CA GLN C 65 15.11 -10.74 11.51
C GLN C 65 13.90 -11.04 10.64
N LEU C 66 12.90 -11.68 11.23
CA LEU C 66 11.66 -12.01 10.53
C LEU C 66 10.52 -11.09 10.91
N PHE C 67 10.86 -9.90 11.39
CA PHE C 67 9.87 -8.91 11.84
C PHE C 67 8.85 -8.57 10.76
N LEU C 68 9.30 -8.45 9.51
CA LEU C 68 8.39 -8.08 8.44
C LEU C 68 7.31 -9.14 8.17
N LYS C 69 7.61 -10.39 8.51
CA LYS C 69 6.70 -11.50 8.25
C LYS C 69 5.36 -11.37 9.00
N ASN C 70 5.34 -10.54 10.04
CA ASN C 70 4.10 -10.28 10.77
C ASN C 70 3.09 -9.50 9.95
N PHE C 71 3.60 -8.81 8.94
CA PHE C 71 2.76 -7.96 8.11
C PHE C 71 2.43 -8.62 6.78
N SER C 72 3.38 -9.36 6.25
CA SER C 72 3.12 -10.18 5.07
C SER C 72 4.08 -11.35 5.00
N SER C 73 3.54 -12.54 4.75
CA SER C 73 4.35 -13.73 4.59
C SER C 73 5.29 -13.58 3.39
N SER C 74 5.02 -12.59 2.56
CA SER C 74 5.83 -12.34 1.37
C SER C 74 6.89 -11.26 1.60
N ALA C 75 6.85 -10.62 2.76
CA ALA C 75 7.85 -9.60 3.06
C ALA C 75 9.24 -10.22 3.13
N ARG C 76 10.26 -9.43 2.88
CA ARG C 76 11.63 -9.94 2.88
C ARG C 76 12.12 -10.22 4.30
N VAL C 77 13.01 -11.20 4.42
CA VAL C 77 13.81 -11.39 5.63
C VAL C 77 14.74 -10.19 5.77
N LEU C 78 14.92 -9.70 7.00
CA LEU C 78 15.84 -8.59 7.22
C LEU C 78 17.28 -9.08 7.13
N THR C 79 18.18 -8.20 6.74
CA THR C 79 19.60 -8.53 6.69
C THR C 79 20.15 -8.70 8.09
N SER C 80 21.32 -9.32 8.19
CA SER C 80 21.94 -9.51 9.50
C SER C 80 22.25 -8.17 10.15
N ALA C 81 22.67 -7.19 9.34
CA ALA C 81 22.96 -5.86 9.86
C ALA C 81 21.71 -5.19 10.41
N GLU C 82 20.61 -5.29 9.66
CA GLU C 82 19.34 -4.70 10.10
C GLU C 82 18.88 -5.33 11.41
N THR C 83 19.04 -6.65 11.50
CA THR C 83 18.66 -7.39 12.70
C THR C 83 19.51 -6.96 13.88
N LYS C 84 20.82 -6.88 13.65
CA LYS C 84 21.76 -6.51 14.70
C LYS C 84 21.51 -5.09 15.20
N ALA C 85 21.09 -4.21 14.29
CA ALA C 85 20.81 -2.82 14.63
C ALA C 85 19.52 -2.71 15.42
N PHE C 86 18.53 -3.50 15.03
CA PHE C 86 17.27 -3.59 15.76
C PHE C 86 17.57 -4.00 17.21
N LEU C 87 18.41 -5.02 17.38
CA LEU C 87 18.85 -5.46 18.70
C LEU C 87 19.61 -4.38 19.47
N ALA C 88 20.49 -3.67 18.76
CA ALA C 88 21.29 -2.61 19.39
C ALA C 88 20.38 -1.56 20.01
N ALA C 89 19.30 -1.24 19.31
CA ALA C 89 18.35 -0.25 19.77
C ALA C 89 17.50 -0.76 20.94
N GLY C 90 17.02 -1.99 20.85
CA GLY C 90 16.00 -2.47 21.76
C GLY C 90 16.47 -3.33 22.93
N ASP C 91 17.55 -4.08 22.71
CA ASP C 91 18.05 -5.03 23.70
C ASP C 91 19.00 -4.35 24.69
N THR C 92 18.45 -3.55 25.61
CA THR C 92 19.27 -2.80 26.55
C THR C 92 19.98 -3.65 27.60
N ASP C 93 19.35 -4.73 28.06
CA ASP C 93 19.97 -5.56 29.10
C ASP C 93 20.95 -6.57 28.50
N GLY C 94 21.08 -6.54 27.18
CA GLY C 94 22.10 -7.30 26.47
C GLY C 94 22.03 -8.81 26.51
N ASP C 95 20.81 -9.35 26.64
CA ASP C 95 20.65 -10.80 26.64
C ASP C 95 20.39 -11.36 25.25
N GLY C 96 20.39 -10.48 24.25
CA GLY C 96 20.26 -10.90 22.86
C GLY C 96 18.84 -11.05 22.37
N LYS C 97 17.89 -10.56 23.16
CA LYS C 97 16.48 -10.57 22.75
C LYS C 97 15.75 -9.38 23.35
N ILE C 98 14.48 -9.20 23.01
CA ILE C 98 13.74 -8.04 23.49
C ILE C 98 12.52 -8.46 24.30
N GLY C 99 12.52 -8.13 25.59
CA GLY C 99 11.38 -8.38 26.46
C GLY C 99 10.33 -7.30 26.33
N VAL C 100 9.16 -7.53 26.93
CA VAL C 100 8.05 -6.60 26.79
C VAL C 100 8.38 -5.22 27.33
N GLU C 101 9.09 -5.18 28.46
CA GLU C 101 9.48 -3.92 29.06
C GLU C 101 10.45 -3.14 28.17
N GLU C 102 11.45 -3.83 27.64
CA GLU C 102 12.38 -3.21 26.69
C GLU C 102 11.66 -2.74 25.44
N PHE C 103 10.64 -3.48 25.03
CA PHE C 103 9.84 -3.09 23.87
C PHE C 103 9.10 -1.77 24.14
N GLN C 104 8.47 -1.67 25.31
CA GLN C 104 7.75 -0.45 25.67
C GLN C 104 8.71 0.74 25.68
N SER C 105 9.88 0.55 26.25
CA SER C 105 10.89 1.61 26.27
C SER C 105 11.31 1.99 24.86
N LEU C 106 11.56 0.99 24.02
CA LEU C 106 11.95 1.25 22.64
C LEU C 106 10.91 2.09 21.91
N VAL C 107 9.65 1.69 22.03
CA VAL C 107 8.56 2.39 21.36
C VAL C 107 8.48 3.85 21.80
N LYS C 108 8.80 4.11 23.06
CA LYS C 108 8.77 5.46 23.62
C LYS C 108 10.04 6.28 23.34
N ALA C 109 11.15 5.58 23.12
CA ALA C 109 12.43 6.25 22.87
C ALA C 109 12.43 7.03 21.55
N ALA D 2 -9.54 0.23 6.79
CA ALA D 2 -10.85 0.35 6.17
C ALA D 2 -11.84 -0.59 6.85
N ILE D 3 -13.12 -0.42 6.55
CA ILE D 3 -14.15 -1.22 7.20
C ILE D 3 -13.97 -2.71 6.89
N THR D 4 -13.48 -3.02 5.69
CA THR D 4 -13.28 -4.41 5.29
C THR D 4 -12.03 -5.06 5.89
N ASP D 5 -11.32 -4.33 6.75
CA ASP D 5 -10.21 -4.93 7.48
C ASP D 5 -10.71 -5.58 8.75
N ILE D 6 -11.99 -5.38 9.05
CA ILE D 6 -12.61 -5.97 10.24
C ILE D 6 -13.86 -6.75 9.87
N LEU D 7 -14.57 -6.29 8.85
CA LEU D 7 -15.83 -6.90 8.46
C LEU D 7 -15.83 -7.29 6.98
N SER D 8 -16.42 -8.45 6.69
CA SER D 8 -16.54 -8.91 5.32
C SER D 8 -17.52 -8.07 4.54
N ALA D 9 -17.15 -7.69 3.33
CA ALA D 9 -18.06 -6.97 2.44
C ALA D 9 -19.35 -7.76 2.23
N LYS D 10 -19.24 -9.08 2.26
CA LYS D 10 -20.40 -9.93 2.08
C LYS D 10 -21.37 -9.85 3.26
N ASP D 11 -20.83 -9.89 4.47
CA ASP D 11 -21.65 -9.74 5.68
C ASP D 11 -22.28 -8.35 5.72
N ILE D 12 -21.53 -7.35 5.28
CA ILE D 12 -22.04 -5.98 5.19
C ILE D 12 -23.24 -5.92 4.24
N GLU D 13 -23.10 -6.53 3.07
CA GLU D 13 -24.19 -6.60 2.10
C GLU D 13 -25.46 -7.19 2.74
N SER D 14 -25.29 -8.30 3.44
CA SER D 14 -26.41 -8.97 4.10
CA SER D 14 -26.42 -8.96 4.09
C SER D 14 -27.04 -8.08 5.18
N ALA D 15 -26.20 -7.43 5.96
CA ALA D 15 -26.68 -6.58 7.05
C ALA D 15 -27.45 -5.37 6.54
N LEU D 16 -27.00 -4.84 5.41
CA LEU D 16 -27.68 -3.70 4.80
C LEU D 16 -29.03 -4.09 4.19
N SER D 17 -29.11 -5.28 3.61
CA SER D 17 -30.38 -5.79 3.11
C SER D 17 -31.36 -5.98 4.25
N SER D 18 -30.85 -6.47 5.37
CA SER D 18 -31.68 -6.75 6.54
C SER D 18 -32.43 -5.53 7.07
N CYS D 19 -31.80 -4.36 6.99
CA CYS D 19 -32.45 -3.12 7.43
C CYS D 19 -32.69 -2.16 6.28
N GLN D 20 -32.98 -2.69 5.10
CA GLN D 20 -33.25 -1.83 3.95
C GLN D 20 -34.59 -1.11 4.11
N ALA D 21 -35.53 -1.74 4.80
CA ALA D 21 -36.87 -1.17 4.97
C ALA D 21 -36.86 0.05 5.91
N ALA D 22 -37.69 1.03 5.58
CA ALA D 22 -37.82 2.25 6.39
C ALA D 22 -38.06 1.95 7.86
N ASP D 23 -37.31 2.64 8.72
CA ASP D 23 -37.46 2.51 10.17
C ASP D 23 -37.32 1.08 10.70
N SER D 24 -36.57 0.24 9.98
CA SER D 24 -36.38 -1.15 10.39
C SER D 24 -35.13 -1.33 11.24
N PHE D 25 -34.29 -0.30 11.31
CA PHE D 25 -32.99 -0.45 11.93
C PHE D 25 -33.07 -0.85 13.39
N ASN D 26 -32.27 -1.82 13.77
CA ASN D 26 -32.00 -2.08 15.18
C ASN D 26 -30.58 -2.60 15.32
N TYR D 27 -29.81 -1.99 16.21
CA TYR D 27 -28.38 -2.27 16.27
C TYR D 27 -28.07 -3.73 16.59
N LYS D 28 -28.91 -4.38 17.38
CA LYS D 28 -28.66 -5.78 17.77
C LYS D 28 -28.67 -6.69 16.55
N SER D 29 -29.71 -6.59 15.73
CA SER D 29 -29.76 -7.37 14.50
C SER D 29 -28.59 -6.99 13.59
N PHE D 30 -28.34 -5.70 13.46
CA PHE D 30 -27.27 -5.22 12.57
C PHE D 30 -25.89 -5.73 13.00
N PHE D 31 -25.52 -5.52 14.26
CA PHE D 31 -24.20 -5.91 14.73
C PHE D 31 -24.01 -7.42 14.61
N SER D 32 -25.08 -8.17 14.83
CA SER D 32 -25.06 -9.61 14.67
C SER D 32 -24.74 -10.01 13.24
N THR D 33 -25.56 -9.53 12.30
CA THR D 33 -25.41 -9.89 10.89
C THR D 33 -24.09 -9.44 10.29
N VAL D 34 -23.67 -8.22 10.61
CA VAL D 34 -22.48 -7.63 10.01
C VAL D 34 -21.19 -8.28 10.56
N GLY D 35 -21.32 -8.98 11.69
CA GLY D 35 -20.22 -9.72 12.26
C GLY D 35 -19.47 -9.03 13.37
N LEU D 36 -19.98 -7.88 13.81
CA LEU D 36 -19.28 -7.08 14.82
C LEU D 36 -19.42 -7.62 16.23
N SER D 37 -20.53 -8.29 16.51
CA SER D 37 -20.84 -8.72 17.88
C SER D 37 -19.84 -9.72 18.47
N SER D 38 -19.10 -10.42 17.61
CA SER D 38 -18.12 -11.40 18.08
C SER D 38 -16.68 -10.86 18.08
N LYS D 39 -16.52 -9.56 17.87
CA LYS D 39 -15.18 -8.97 17.74
C LYS D 39 -14.59 -8.52 19.08
N THR D 40 -13.28 -8.28 19.08
CA THR D 40 -12.59 -7.85 20.30
C THR D 40 -12.74 -6.34 20.50
N PRO D 41 -12.45 -5.86 21.72
CA PRO D 41 -12.51 -4.41 21.99
C PRO D 41 -11.69 -3.59 21.00
N ASP D 42 -10.50 -4.07 20.62
CA ASP D 42 -9.67 -3.34 19.67
C ASP D 42 -10.28 -3.29 18.28
N GLN D 43 -10.82 -4.43 17.83
CA GLN D 43 -11.50 -4.50 16.53
C GLN D 43 -12.73 -3.60 16.50
N ILE D 44 -13.45 -3.58 17.62
CA ILE D 44 -14.63 -2.71 17.77
C ILE D 44 -14.23 -1.24 17.77
N LYS D 45 -13.09 -0.94 18.40
CA LYS D 45 -12.58 0.42 18.47
C LYS D 45 -12.13 0.88 17.06
N LYS D 46 -11.65 -0.05 16.25
CA LYS D 46 -11.27 0.25 14.86
C LYS D 46 -12.48 0.68 14.03
N VAL D 47 -13.59 -0.04 14.21
CA VAL D 47 -14.83 0.35 13.55
C VAL D 47 -15.31 1.69 14.07
N PHE D 48 -15.22 1.88 15.38
CA PHE D 48 -15.64 3.13 16.00
C PHE D 48 -14.95 4.33 15.35
N GLY D 49 -13.65 4.21 15.13
CA GLY D 49 -12.85 5.28 14.55
C GLY D 49 -13.32 5.65 13.15
N ILE D 50 -13.79 4.67 12.40
CA ILE D 50 -14.34 4.92 11.08
C ILE D 50 -15.69 5.64 11.19
N LEU D 51 -16.50 5.23 12.16
CA LEU D 51 -17.80 5.85 12.37
C LEU D 51 -17.62 7.31 12.78
N ASP D 52 -16.56 7.56 13.54
CA ASP D 52 -16.24 8.90 14.03
C ASP D 52 -15.57 9.66 12.89
N GLN D 53 -16.38 10.08 11.93
CA GLN D 53 -15.85 10.63 10.68
C GLN D 53 -15.03 11.90 10.85
N ASP D 54 -15.41 12.77 11.78
CA ASP D 54 -14.67 14.01 12.00
C ASP D 54 -13.61 13.90 13.10
N LYS D 55 -13.35 12.68 13.56
CA LYS D 55 -12.28 12.42 14.53
C LYS D 55 -12.37 13.25 15.80
N SER D 56 -13.58 13.43 16.31
CA SER D 56 -13.80 14.20 17.53
C SER D 56 -13.63 13.33 18.77
N GLY D 57 -13.63 12.01 18.57
CA GLY D 57 -13.56 11.09 19.68
C GLY D 57 -14.92 10.53 20.06
N PHE D 58 -15.96 11.07 19.43
CA PHE D 58 -17.33 10.64 19.71
C PHE D 58 -18.11 10.50 18.42
N ILE D 59 -19.13 9.64 18.43
CA ILE D 59 -20.05 9.60 17.31
C ILE D 59 -21.20 10.56 17.61
N GLU D 60 -21.19 11.71 16.94
CA GLU D 60 -22.27 12.68 17.12
C GLU D 60 -23.50 12.31 16.30
N GLU D 61 -24.61 12.97 16.59
CA GLU D 61 -25.90 12.66 15.97
C GLU D 61 -25.82 12.55 14.45
N GLU D 62 -25.24 13.57 13.82
CA GLU D 62 -25.17 13.58 12.35
C GLU D 62 -24.40 12.37 11.82
N GLU D 63 -23.39 11.94 12.55
CA GLU D 63 -22.60 10.78 12.15
C GLU D 63 -23.37 9.49 12.36
N LEU D 64 -24.23 9.48 13.38
CA LEU D 64 -25.07 8.33 13.65
C LEU D 64 -26.13 8.17 12.56
N GLN D 65 -26.55 9.29 11.95
CA GLN D 65 -27.51 9.19 10.86
C GLN D 65 -26.84 8.62 9.61
N LEU D 66 -25.55 8.88 9.47
CA LEU D 66 -24.76 8.33 8.36
C LEU D 66 -24.15 6.98 8.75
N PHE D 67 -24.67 6.37 9.80
CA PHE D 67 -24.10 5.13 10.34
C PHE D 67 -23.82 4.07 9.28
N LEU D 68 -24.84 3.73 8.49
CA LEU D 68 -24.73 2.67 7.51
C LEU D 68 -23.74 2.98 6.38
N LYS D 69 -23.56 4.27 6.07
CA LYS D 69 -22.72 4.64 4.95
C LYS D 69 -21.23 4.33 5.15
N ASN D 70 -20.82 4.13 6.40
CA ASN D 70 -19.46 3.67 6.72
C ASN D 70 -19.23 2.21 6.34
N PHE D 71 -20.30 1.48 6.12
CA PHE D 71 -20.18 0.06 5.76
C PHE D 71 -20.26 -0.08 4.25
N SER D 72 -21.11 0.74 3.64
CA SER D 72 -21.14 0.91 2.18
C SER D 72 -21.80 2.24 1.85
N SER D 73 -21.13 3.06 1.04
CA SER D 73 -21.61 4.43 0.80
C SER D 73 -22.94 4.50 0.05
N SER D 74 -23.38 3.38 -0.53
CA SER D 74 -24.68 3.34 -1.20
C SER D 74 -25.81 3.03 -0.22
N ALA D 75 -25.46 2.62 0.99
CA ALA D 75 -26.46 2.35 2.02
C ALA D 75 -27.33 3.57 2.27
N ARG D 76 -28.52 3.35 2.84
CA ARG D 76 -29.41 4.44 3.15
C ARG D 76 -28.97 5.21 4.39
N VAL D 77 -29.38 6.47 4.47
CA VAL D 77 -29.29 7.26 5.68
C VAL D 77 -30.36 6.74 6.64
N LEU D 78 -30.07 6.78 7.95
CA LEU D 78 -31.09 6.42 8.92
C LEU D 78 -32.11 7.56 8.99
N THR D 79 -33.36 7.23 9.27
CA THR D 79 -34.39 8.25 9.43
C THR D 79 -34.15 9.04 10.72
N SER D 80 -34.85 10.15 10.88
CA SER D 80 -34.78 10.90 12.13
C SER D 80 -35.11 9.99 13.31
N ALA D 81 -36.21 9.23 13.17
CA ALA D 81 -36.66 8.33 14.22
C ALA D 81 -35.62 7.27 14.58
N GLU D 82 -34.97 6.71 13.57
CA GLU D 82 -33.96 5.68 13.81
C GLU D 82 -32.75 6.26 14.53
N THR D 83 -32.33 7.45 14.12
CA THR D 83 -31.18 8.11 14.74
C THR D 83 -31.48 8.46 16.19
N LYS D 84 -32.72 8.87 16.45
CA LYS D 84 -33.12 9.23 17.81
C LYS D 84 -33.14 8.01 18.73
N ALA D 85 -33.66 6.89 18.22
CA ALA D 85 -33.72 5.66 19.01
C ALA D 85 -32.32 5.09 19.23
N PHE D 86 -31.51 5.14 18.18
CA PHE D 86 -30.14 4.63 18.25
C PHE D 86 -29.35 5.39 19.30
N LEU D 87 -29.42 6.72 19.22
CA LEU D 87 -28.71 7.58 20.16
C LEU D 87 -29.20 7.38 21.59
N ALA D 88 -30.52 7.33 21.76
CA ALA D 88 -31.11 7.16 23.09
C ALA D 88 -30.67 5.84 23.73
N ALA D 89 -30.53 4.81 22.92
CA ALA D 89 -30.06 3.52 23.41
C ALA D 89 -28.58 3.57 23.83
N GLY D 90 -27.77 4.25 23.03
CA GLY D 90 -26.32 4.24 23.22
C GLY D 90 -25.78 5.27 24.20
N ASP D 91 -26.39 6.45 24.21
CA ASP D 91 -25.93 7.57 25.02
C ASP D 91 -26.33 7.40 26.49
N THR D 92 -25.56 6.62 27.23
CA THR D 92 -25.92 6.32 28.62
C THR D 92 -25.45 7.35 29.65
N ASP D 93 -24.54 8.24 29.28
CA ASP D 93 -24.13 9.31 30.20
C ASP D 93 -24.71 10.66 29.83
N GLY D 94 -25.59 10.66 28.83
CA GLY D 94 -26.41 11.81 28.50
C GLY D 94 -25.71 13.06 28.00
N ASP D 95 -24.59 12.89 27.30
CA ASP D 95 -23.89 14.05 26.73
C ASP D 95 -24.32 14.30 25.28
N GLY D 96 -25.25 13.50 24.80
CA GLY D 96 -25.81 13.69 23.46
C GLY D 96 -24.99 13.09 22.33
N LYS D 97 -24.02 12.24 22.65
CA LYS D 97 -23.21 11.59 21.63
C LYS D 97 -22.78 10.20 22.11
N ILE D 98 -22.09 9.45 21.25
CA ILE D 98 -21.70 8.10 21.62
C ILE D 98 -20.18 7.95 21.65
N GLY D 99 -19.66 7.63 22.83
CA GLY D 99 -18.22 7.46 23.00
C GLY D 99 -17.78 6.02 22.83
N VAL D 100 -16.48 5.78 22.96
CA VAL D 100 -15.92 4.46 22.70
C VAL D 100 -16.54 3.37 23.58
N GLU D 101 -16.64 3.61 24.89
CA GLU D 101 -17.15 2.60 25.81
C GLU D 101 -18.65 2.35 25.59
N GLU D 102 -19.38 3.41 25.27
CA GLU D 102 -20.80 3.26 24.96
C GLU D 102 -21.01 2.48 23.68
N PHE D 103 -20.13 2.67 22.71
CA PHE D 103 -20.22 1.91 21.48
C PHE D 103 -19.93 0.44 21.74
N GLN D 104 -18.88 0.18 22.51
CA GLN D 104 -18.54 -1.19 22.91
C GLN D 104 -19.74 -1.88 23.57
N SER D 105 -20.44 -1.15 24.44
CA SER D 105 -21.61 -1.67 25.15
C SER D 105 -22.76 -2.04 24.22
N LEU D 106 -23.04 -1.18 23.25
CA LEU D 106 -24.06 -1.46 22.25
C LEU D 106 -23.71 -2.74 21.49
N VAL D 107 -22.46 -2.83 21.03
CA VAL D 107 -22.02 -3.95 20.23
C VAL D 107 -22.19 -5.29 20.95
N LYS D 108 -21.90 -5.28 22.26
CA LYS D 108 -21.90 -6.51 23.04
C LYS D 108 -23.22 -6.77 23.75
N ALA D 109 -24.23 -5.94 23.45
CA ALA D 109 -25.54 -6.09 24.07
C ALA D 109 -26.32 -7.27 23.47
N ALA E 2 29.16 24.00 -12.00
CA ALA E 2 28.38 23.37 -10.95
C ALA E 2 27.28 24.30 -10.43
N ILE E 3 26.23 23.72 -9.86
CA ILE E 3 25.15 24.53 -9.30
C ILE E 3 25.68 25.37 -8.14
N THR E 4 26.75 24.87 -7.52
CA THR E 4 27.35 25.55 -6.38
C THR E 4 28.21 26.74 -6.81
N ASP E 5 28.26 27.00 -8.11
CA ASP E 5 28.89 28.23 -8.61
C ASP E 5 27.98 29.41 -8.34
N ILE E 6 26.71 29.12 -8.14
CA ILE E 6 25.69 30.14 -7.94
C ILE E 6 25.02 30.05 -6.57
N LEU E 7 24.72 28.83 -6.14
CA LEU E 7 24.10 28.61 -4.83
C LEU E 7 25.11 28.03 -3.86
N SER E 8 24.98 28.33 -2.57
CA SER E 8 25.90 27.78 -1.58
C SER E 8 25.51 26.36 -1.18
N ALA E 9 26.52 25.52 -0.94
CA ALA E 9 26.26 24.17 -0.46
C ALA E 9 25.47 24.20 0.85
N LYS E 10 25.74 25.22 1.68
CA LYS E 10 25.05 25.35 2.96
C LYS E 10 23.56 25.62 2.78
N ASP E 11 23.24 26.54 1.86
CA ASP E 11 21.84 26.87 1.58
C ASP E 11 21.12 25.69 0.92
N ILE E 12 21.84 24.97 0.07
CA ILE E 12 21.28 23.80 -0.58
C ILE E 12 20.93 22.75 0.48
N GLU E 13 21.84 22.53 1.42
CA GLU E 13 21.60 21.56 2.49
C GLU E 13 20.38 21.93 3.32
N SER E 14 20.24 23.22 3.59
CA SER E 14 19.09 23.72 4.34
C SER E 14 17.77 23.47 3.60
N ALA E 15 17.77 23.70 2.29
CA ALA E 15 16.59 23.49 1.48
C ALA E 15 16.20 22.01 1.43
N LEU E 16 17.20 21.14 1.30
CA LEU E 16 16.97 19.70 1.26
C LEU E 16 16.43 19.18 2.58
N SER E 17 16.93 19.72 3.69
CA SER E 17 16.52 19.25 5.01
C SER E 17 15.03 19.43 5.27
N SER E 18 14.41 20.39 4.59
CA SER E 18 13.02 20.72 4.86
C SER E 18 12.03 20.08 3.89
N CYS E 19 12.53 19.32 2.91
CA CYS E 19 11.64 18.64 1.97
C CYS E 19 11.93 17.14 1.85
N GLN E 20 12.38 16.54 2.94
CA GLN E 20 12.77 15.13 2.93
C GLN E 20 11.58 14.18 2.95
N ALA E 21 10.50 14.58 3.61
CA ALA E 21 9.29 13.77 3.63
C ALA E 21 8.56 13.85 2.31
N ALA E 22 7.94 12.74 1.90
CA ALA E 22 7.13 12.75 0.69
C ALA E 22 6.00 13.79 0.81
N ASP E 23 5.76 14.51 -0.27
CA ASP E 23 4.71 15.53 -0.33
C ASP E 23 4.96 16.76 0.56
N SER E 24 6.21 16.96 0.96
CA SER E 24 6.58 18.17 1.69
C SER E 24 7.24 19.21 0.79
N PHE E 25 7.67 18.79 -0.40
CA PHE E 25 8.37 19.70 -1.31
C PHE E 25 7.50 20.85 -1.79
N ASN E 26 8.10 22.02 -1.87
CA ASN E 26 7.46 23.24 -2.34
C ASN E 26 8.50 24.09 -3.04
N TYR E 27 8.34 24.27 -4.35
CA TYR E 27 9.35 24.95 -5.15
C TYR E 27 9.67 26.33 -4.58
N LYS E 28 8.65 26.99 -4.04
CA LYS E 28 8.77 28.36 -3.54
C LYS E 28 9.68 28.41 -2.30
N SER E 29 9.39 27.59 -1.30
CA SER E 29 10.22 27.52 -0.11
CA SER E 29 10.22 27.52 -0.10
C SER E 29 11.64 27.08 -0.47
N PHE E 30 11.74 26.13 -1.39
CA PHE E 30 13.05 25.65 -1.82
C PHE E 30 13.87 26.76 -2.49
N PHE E 31 13.28 27.40 -3.50
CA PHE E 31 13.95 28.50 -4.21
C PHE E 31 14.36 29.62 -3.27
N SER E 32 13.51 29.91 -2.30
CA SER E 32 13.77 30.95 -1.31
C SER E 32 14.91 30.56 -0.39
N THR E 33 14.79 29.38 0.21
CA THR E 33 15.82 28.89 1.12
C THR E 33 17.16 28.71 0.41
N VAL E 34 17.12 28.12 -0.78
CA VAL E 34 18.33 27.80 -1.51
C VAL E 34 19.02 29.06 -2.04
N GLY E 35 18.30 30.18 -2.02
CA GLY E 35 18.87 31.47 -2.37
C GLY E 35 18.70 31.85 -3.83
N LEU E 36 17.97 31.03 -4.57
CA LEU E 36 17.80 31.23 -6.00
C LEU E 36 16.93 32.44 -6.34
N SER E 37 15.99 32.75 -5.45
CA SER E 37 14.99 33.77 -5.75
C SER E 37 15.54 35.19 -5.90
N SER E 38 16.80 35.39 -5.54
CA SER E 38 17.39 36.73 -5.57
C SER E 38 18.53 36.89 -6.59
N LYS E 39 18.74 35.87 -7.41
CA LYS E 39 19.84 35.88 -8.38
C LYS E 39 19.50 36.67 -9.64
N THR E 40 20.52 36.93 -10.45
CA THR E 40 20.35 37.64 -11.72
C THR E 40 19.74 36.71 -12.77
N PRO E 41 19.16 37.28 -13.83
CA PRO E 41 18.63 36.45 -14.92
C PRO E 41 19.70 35.54 -15.51
N ASP E 42 20.90 36.08 -15.70
CA ASP E 42 22.01 35.30 -16.25
C ASP E 42 22.47 34.21 -15.28
N GLN E 43 22.42 34.49 -13.98
CA GLN E 43 22.72 33.48 -12.97
C GLN E 43 21.64 32.40 -13.02
N ILE E 44 20.40 32.82 -13.24
CA ILE E 44 19.27 31.91 -13.27
C ILE E 44 19.30 31.03 -14.52
N LYS E 45 19.70 31.60 -15.65
CA LYS E 45 19.86 30.84 -16.88
C LYS E 45 20.91 29.76 -16.72
N LYS E 46 21.98 30.07 -15.98
CA LYS E 46 23.04 29.09 -15.77
C LYS E 46 22.55 27.92 -14.92
N VAL E 47 21.76 28.22 -13.91
CA VAL E 47 21.17 27.17 -13.07
C VAL E 47 20.22 26.34 -13.91
N PHE E 48 19.46 27.02 -14.77
CA PHE E 48 18.53 26.32 -15.66
C PHE E 48 19.25 25.29 -16.52
N GLY E 49 20.38 25.68 -17.10
CA GLY E 49 21.16 24.79 -17.96
C GLY E 49 21.56 23.51 -17.27
N ILE E 50 21.76 23.58 -15.95
CA ILE E 50 22.14 22.42 -15.18
C ILE E 50 20.94 21.52 -14.90
N LEU E 51 19.84 22.11 -14.47
CA LEU E 51 18.60 21.36 -14.25
C LEU E 51 18.16 20.69 -15.55
N ASP E 52 18.45 21.35 -16.67
CA ASP E 52 18.22 20.76 -17.99
C ASP E 52 19.21 19.63 -18.21
N GLN E 53 18.94 18.49 -17.59
CA GLN E 53 19.89 17.39 -17.50
C GLN E 53 20.36 16.79 -18.82
N ASP E 54 19.46 16.64 -19.78
CA ASP E 54 19.82 16.05 -21.06
C ASP E 54 20.08 17.13 -22.12
N LYS E 55 20.13 18.39 -21.67
CA LYS E 55 20.44 19.53 -22.54
C LYS E 55 19.53 19.61 -23.76
N SER E 56 18.23 19.41 -23.55
CA SER E 56 17.27 19.51 -24.63
C SER E 56 16.82 20.96 -24.84
N GLY E 57 17.13 21.82 -23.86
CA GLY E 57 16.73 23.21 -23.92
C GLY E 57 15.54 23.52 -23.02
N PHE E 58 14.97 22.50 -22.41
CA PHE E 58 13.80 22.67 -21.56
C PHE E 58 13.88 21.73 -20.37
N ILE E 59 13.17 22.03 -19.31
CA ILE E 59 13.06 21.07 -18.21
C ILE E 59 11.76 20.28 -18.38
N GLU E 60 11.90 19.03 -18.80
CA GLU E 60 10.75 18.16 -18.99
C GLU E 60 10.25 17.66 -17.64
N GLU E 61 9.08 17.01 -17.65
CA GLU E 61 8.43 16.60 -16.42
C GLU E 61 9.31 15.69 -15.55
N GLU E 62 9.97 14.72 -16.17
CA GLU E 62 10.82 13.80 -15.41
C GLU E 62 11.98 14.55 -14.73
N GLU E 63 12.44 15.62 -15.37
CA GLU E 63 13.52 16.41 -14.80
C GLU E 63 13.06 17.24 -13.61
N LEU E 64 11.76 17.53 -13.56
CA LEU E 64 11.20 18.14 -12.36
C LEU E 64 11.07 17.09 -11.26
N GLN E 65 10.62 15.90 -11.63
CA GLN E 65 10.44 14.83 -10.66
C GLN E 65 11.79 14.43 -10.06
N LEU E 66 12.84 14.55 -10.86
CA LEU E 66 14.19 14.21 -10.41
C LEU E 66 14.97 15.48 -10.05
N PHE E 67 14.24 16.54 -9.73
CA PHE E 67 14.82 17.84 -9.39
C PHE E 67 15.87 17.76 -8.28
N LEU E 68 15.59 17.02 -7.22
CA LEU E 68 16.51 16.94 -6.09
C LEU E 68 17.81 16.22 -6.41
N LYS E 69 17.82 15.42 -7.48
CA LYS E 69 19.03 14.69 -7.90
C LYS E 69 20.16 15.62 -8.32
N ASN E 70 19.81 16.86 -8.66
CA ASN E 70 20.80 17.86 -9.04
C ASN E 70 21.67 18.25 -7.85
N PHE E 71 21.17 18.01 -6.65
CA PHE E 71 21.84 18.45 -5.44
C PHE E 71 22.50 17.29 -4.70
N SER E 72 21.92 16.10 -4.87
CA SER E 72 22.51 14.87 -4.38
C SER E 72 21.93 13.66 -5.09
N SER E 73 22.80 12.79 -5.58
CA SER E 73 22.34 11.58 -6.25
C SER E 73 21.60 10.64 -5.30
N SER E 74 21.65 10.96 -4.01
CA SER E 74 20.96 10.15 -2.99
C SER E 74 19.65 10.78 -2.54
N ALA E 75 19.34 11.96 -3.06
CA ALA E 75 18.11 12.67 -2.72
C ALA E 75 16.90 11.91 -3.27
N ARG E 76 15.74 12.09 -2.65
CA ARG E 76 14.55 11.34 -3.05
C ARG E 76 13.97 11.84 -4.38
N VAL E 77 13.31 10.93 -5.09
CA VAL E 77 12.50 11.30 -6.22
C VAL E 77 11.22 11.96 -5.70
N LEU E 78 10.75 13.00 -6.37
CA LEU E 78 9.53 13.69 -5.98
C LEU E 78 8.30 12.82 -6.26
N THR E 79 7.25 12.99 -5.46
CA THR E 79 5.98 12.30 -5.74
C THR E 79 5.34 12.88 -6.99
N SER E 80 4.39 12.14 -7.56
CA SER E 80 3.65 12.64 -8.72
C SER E 80 2.90 13.93 -8.42
N ALA E 81 2.37 14.03 -7.20
CA ALA E 81 1.68 15.26 -6.79
C ALA E 81 2.64 16.44 -6.75
N GLU E 82 3.82 16.25 -6.17
CA GLU E 82 4.81 17.33 -6.10
C GLU E 82 5.24 17.76 -7.49
N THR E 83 5.42 16.78 -8.37
CA THR E 83 5.88 17.02 -9.73
C THR E 83 4.84 17.81 -10.52
N LYS E 84 3.57 17.44 -10.37
CA LYS E 84 2.50 18.15 -11.05
C LYS E 84 2.35 19.58 -10.51
N ALA E 85 2.49 19.75 -9.20
CA ALA E 85 2.45 21.08 -8.59
C ALA E 85 3.59 21.96 -9.12
N PHE E 86 4.79 21.40 -9.14
CA PHE E 86 5.96 22.09 -9.65
C PHE E 86 5.72 22.53 -11.11
N LEU E 87 5.22 21.59 -11.90
CA LEU E 87 5.00 21.85 -13.32
C LEU E 87 3.88 22.86 -13.55
N ALA E 88 2.81 22.76 -12.77
CA ALA E 88 1.66 23.63 -12.94
C ALA E 88 2.02 25.09 -12.69
N ALA E 89 2.91 25.32 -11.73
CA ALA E 89 3.32 26.68 -11.41
C ALA E 89 4.19 27.26 -12.52
N GLY E 90 5.00 26.40 -13.14
CA GLY E 90 6.02 26.87 -14.07
C GLY E 90 5.64 26.85 -15.55
N ASP E 91 4.88 25.85 -15.94
CA ASP E 91 4.49 25.68 -17.34
C ASP E 91 3.34 26.61 -17.72
N THR E 92 3.66 27.88 -17.97
CA THR E 92 2.64 28.88 -18.25
C THR E 92 2.06 28.79 -19.66
N ASP E 93 2.77 28.14 -20.58
CA ASP E 93 2.26 27.99 -21.94
C ASP E 93 1.63 26.62 -22.18
N GLY E 94 1.67 25.77 -21.15
CA GLY E 94 0.98 24.51 -21.16
C GLY E 94 1.44 23.46 -22.17
N ASP E 95 2.74 23.43 -22.48
CA ASP E 95 3.24 22.41 -23.40
C ASP E 95 3.85 21.21 -22.67
N GLY E 96 3.75 21.20 -21.35
CA GLY E 96 4.21 20.07 -20.55
C GLY E 96 5.64 20.15 -20.07
N LYS E 97 6.34 21.22 -20.44
CA LYS E 97 7.72 21.40 -19.96
C LYS E 97 8.01 22.85 -19.58
N ILE E 98 9.27 23.12 -19.23
CA ILE E 98 9.63 24.45 -18.75
C ILE E 98 10.83 25.01 -19.49
N GLY E 99 10.61 26.10 -20.22
CA GLY E 99 11.68 26.79 -20.90
C GLY E 99 12.40 27.75 -19.97
N VAL E 100 13.49 28.34 -20.43
CA VAL E 100 14.30 29.17 -19.57
C VAL E 100 13.55 30.45 -19.14
N GLU E 101 12.72 30.98 -20.04
CA GLU E 101 11.92 32.17 -19.72
C GLU E 101 10.92 31.85 -18.63
N GLU E 102 10.27 30.69 -18.73
CA GLU E 102 9.32 30.27 -17.71
C GLU E 102 10.01 30.04 -16.38
N PHE E 103 11.21 29.48 -16.42
CA PHE E 103 11.95 29.22 -15.22
C PHE E 103 12.29 30.52 -14.50
N GLN E 104 12.70 31.53 -15.27
CA GLN E 104 13.02 32.83 -14.72
C GLN E 104 11.81 33.48 -14.06
N SER E 105 10.65 33.37 -14.70
CA SER E 105 9.42 33.89 -14.11
C SER E 105 9.10 33.15 -12.82
N LEU E 106 9.22 31.83 -12.87
CA LEU E 106 8.95 30.98 -11.73
C LEU E 106 9.81 31.35 -10.53
N VAL E 107 11.09 31.60 -10.78
CA VAL E 107 12.03 31.94 -9.71
C VAL E 107 11.66 33.26 -9.03
N LYS E 108 11.20 34.22 -9.82
CA LYS E 108 10.91 35.57 -9.30
C LYS E 108 9.45 35.80 -8.93
N ALA E 109 8.59 34.81 -9.23
CA ALA E 109 7.18 34.90 -8.87
C ALA E 109 6.95 34.54 -7.41
N ALA F 2 18.81 1.22 -7.78
CA ALA F 2 17.54 0.99 -7.11
C ALA F 2 16.39 1.54 -7.94
N ILE F 3 15.21 0.92 -7.81
CA ILE F 3 14.03 1.39 -8.52
C ILE F 3 13.70 2.83 -8.08
N THR F 4 13.89 3.10 -6.80
CA THR F 4 13.61 4.42 -6.24
C THR F 4 14.66 5.46 -6.63
N ASP F 5 15.61 5.07 -7.48
CA ASP F 5 16.51 6.03 -8.12
C ASP F 5 15.73 6.80 -9.19
N ILE F 6 14.61 6.24 -9.62
CA ILE F 6 13.84 6.79 -10.72
C ILE F 6 12.38 7.05 -10.36
N LEU F 7 11.83 6.21 -9.48
CA LEU F 7 10.44 6.34 -9.07
C LEU F 7 10.31 6.63 -7.59
N SER F 8 9.24 7.34 -7.23
CA SER F 8 8.94 7.66 -5.85
C SER F 8 8.34 6.45 -5.13
N ALA F 9 8.81 6.17 -3.92
CA ALA F 9 8.24 5.10 -3.10
C ALA F 9 6.75 5.34 -2.85
N LYS F 10 6.37 6.61 -2.76
CA LYS F 10 4.99 6.97 -2.48
C LYS F 10 4.06 6.61 -3.64
N ASP F 11 4.50 6.92 -4.86
CA ASP F 11 3.75 6.55 -6.07
C ASP F 11 3.63 5.03 -6.20
N ILE F 12 4.73 4.33 -5.92
CA ILE F 12 4.75 2.88 -5.91
C ILE F 12 3.73 2.34 -4.91
N GLU F 13 3.73 2.92 -3.71
CA GLU F 13 2.78 2.53 -2.67
C GLU F 13 1.34 2.69 -3.15
N SER F 14 1.04 3.85 -3.75
CA SER F 14 -0.30 4.09 -4.28
C SER F 14 -0.66 3.07 -5.36
N ALA F 15 0.30 2.76 -6.23
CA ALA F 15 0.06 1.78 -7.29
C ALA F 15 -0.30 0.41 -6.70
N LEU F 16 0.51 -0.04 -5.75
CA LEU F 16 0.32 -1.37 -5.14
C LEU F 16 -0.95 -1.45 -4.29
N SER F 17 -1.33 -0.35 -3.66
CA SER F 17 -2.50 -0.36 -2.81
C SER F 17 -3.74 -0.70 -3.60
N SER F 18 -3.75 -0.32 -4.87
CA SER F 18 -4.93 -0.48 -5.71
C SER F 18 -5.05 -1.86 -6.35
N CYS F 19 -3.94 -2.58 -6.43
CA CYS F 19 -3.97 -3.90 -7.04
C CYS F 19 -3.59 -5.03 -6.07
N GLN F 20 -3.95 -4.87 -4.80
CA GLN F 20 -3.66 -5.87 -3.77
C GLN F 20 -4.37 -7.21 -4.01
N ALA F 21 -5.54 -7.15 -4.64
CA ALA F 21 -6.34 -8.35 -4.87
C ALA F 21 -5.85 -9.12 -6.09
N ALA F 22 -5.85 -10.45 -5.98
CA ALA F 22 -5.49 -11.30 -7.10
C ALA F 22 -6.35 -11.00 -8.33
N ASP F 23 -5.70 -10.94 -9.48
CA ASP F 23 -6.38 -10.68 -10.75
CA ASP F 23 -6.35 -10.66 -10.77
C ASP F 23 -6.94 -9.26 -10.88
N SER F 24 -6.43 -8.33 -10.08
CA SER F 24 -6.85 -6.93 -10.17
C SER F 24 -5.82 -6.10 -10.95
N PHE F 25 -4.73 -6.74 -11.34
CA PHE F 25 -3.61 -6.04 -11.96
C PHE F 25 -3.91 -5.60 -13.39
N ASN F 26 -3.51 -4.37 -13.71
CA ASN F 26 -3.54 -3.88 -15.08
C ASN F 26 -2.26 -3.07 -15.32
N TYR F 27 -1.44 -3.51 -16.27
CA TYR F 27 -0.11 -2.92 -16.42
C TYR F 27 -0.15 -1.44 -16.80
N LYS F 28 -1.15 -1.05 -17.59
CA LYS F 28 -1.28 0.35 -17.98
C LYS F 28 -1.56 1.23 -16.77
N SER F 29 -2.48 0.80 -15.92
CA SER F 29 -2.80 1.53 -14.70
C SER F 29 -1.57 1.62 -13.81
N PHE F 30 -0.84 0.52 -13.71
CA PHE F 30 0.32 0.47 -12.84
C PHE F 30 1.42 1.41 -13.29
N PHE F 31 1.79 1.33 -14.57
CA PHE F 31 2.87 2.15 -15.10
C PHE F 31 2.54 3.64 -14.96
N SER F 32 1.26 3.97 -15.12
CA SER F 32 0.81 5.35 -15.00
C SER F 32 0.96 5.85 -13.56
N THR F 33 0.46 5.05 -12.61
CA THR F 33 0.45 5.45 -11.21
C THR F 33 1.87 5.56 -10.61
N VAL F 34 2.75 4.63 -10.97
CA VAL F 34 4.10 4.63 -10.42
C VAL F 34 4.96 5.76 -11.01
N GLY F 35 4.51 6.35 -12.10
CA GLY F 35 5.21 7.45 -12.74
C GLY F 35 6.14 7.05 -13.88
N LEU F 36 6.06 5.80 -14.33
CA LEU F 36 7.00 5.31 -15.34
C LEU F 36 6.66 5.77 -16.76
N SER F 37 5.39 6.02 -17.02
CA SER F 37 4.94 6.39 -18.36
CA SER F 37 4.94 6.39 -18.36
C SER F 37 5.48 7.75 -18.83
N SER F 38 6.00 8.56 -17.92
CA SER F 38 6.52 9.87 -18.29
C SER F 38 8.05 9.90 -18.33
N LYS F 39 8.67 8.72 -18.25
CA LYS F 39 10.12 8.65 -18.20
C LYS F 39 10.74 8.48 -19.59
N THR F 40 12.05 8.64 -19.67
CA THR F 40 12.77 8.52 -20.93
C THR F 40 13.15 7.06 -21.18
N PRO F 41 13.45 6.73 -22.44
CA PRO F 41 13.87 5.35 -22.76
C PRO F 41 15.01 4.87 -21.86
N ASP F 42 15.98 5.72 -21.58
CA ASP F 42 17.09 5.37 -20.70
C ASP F 42 16.61 4.99 -19.30
N GLN F 43 15.67 5.77 -18.78
CA GLN F 43 15.11 5.51 -17.46
C GLN F 43 14.30 4.22 -17.47
N ILE F 44 13.54 4.03 -18.54
CA ILE F 44 12.76 2.82 -18.72
C ILE F 44 13.68 1.61 -18.92
N LYS F 45 14.81 1.84 -19.58
CA LYS F 45 15.79 0.77 -19.77
C LYS F 45 16.36 0.33 -18.43
N LYS F 46 16.61 1.28 -17.54
CA LYS F 46 17.13 0.96 -16.21
C LYS F 46 16.12 0.15 -15.41
N VAL F 47 14.85 0.52 -15.50
CA VAL F 47 13.80 -0.24 -14.83
C VAL F 47 13.77 -1.65 -15.39
N PHE F 48 13.91 -1.76 -16.72
CA PHE F 48 13.93 -3.06 -17.38
C PHE F 48 15.03 -3.95 -16.79
N GLY F 49 16.21 -3.37 -16.61
CA GLY F 49 17.34 -4.07 -16.04
C GLY F 49 17.06 -4.62 -14.65
N ILE F 50 16.22 -3.92 -13.89
CA ILE F 50 15.86 -4.34 -12.55
C ILE F 50 14.84 -5.47 -12.56
N LEU F 51 13.85 -5.38 -13.44
CA LEU F 51 12.87 -6.44 -13.60
C LEU F 51 13.56 -7.70 -14.11
N ASP F 52 14.66 -7.50 -14.83
CA ASP F 52 15.48 -8.59 -15.32
C ASP F 52 16.33 -9.13 -14.17
N GLN F 53 15.67 -9.78 -13.22
CA GLN F 53 16.32 -10.20 -11.98
C GLN F 53 17.57 -11.07 -12.20
N ASP F 54 17.54 -11.93 -13.21
CA ASP F 54 18.64 -12.88 -13.40
C ASP F 54 19.66 -12.43 -14.43
N LYS F 55 19.53 -11.20 -14.91
CA LYS F 55 20.50 -10.60 -15.81
C LYS F 55 20.63 -11.34 -17.14
N SER F 56 19.54 -11.94 -17.60
CA SER F 56 19.55 -12.68 -18.86
C SER F 56 19.41 -11.76 -20.06
N GLY F 57 18.92 -10.54 -19.83
CA GLY F 57 18.70 -9.60 -20.91
C GLY F 57 17.27 -9.59 -21.43
N PHE F 58 16.43 -10.45 -20.86
CA PHE F 58 15.03 -10.54 -21.25
C PHE F 58 14.21 -10.66 -19.99
N ILE F 59 12.96 -10.24 -20.03
CA ILE F 59 12.05 -10.54 -18.93
C ILE F 59 11.23 -11.76 -19.31
N GLU F 60 11.60 -12.91 -18.75
CA GLU F 60 10.90 -14.15 -19.04
C GLU F 60 9.56 -14.21 -18.30
N GLU F 61 8.68 -15.10 -18.73
CA GLU F 61 7.36 -15.18 -18.13
C GLU F 61 7.46 -15.40 -16.62
N GLU F 62 8.31 -16.33 -16.21
CA GLU F 62 8.49 -16.62 -14.79
C GLU F 62 9.00 -15.41 -14.00
N GLU F 63 9.63 -14.48 -14.70
CA GLU F 63 10.06 -13.22 -14.07
C GLU F 63 8.95 -12.19 -14.07
N LEU F 64 8.07 -12.28 -15.06
CA LEU F 64 6.99 -11.31 -15.19
C LEU F 64 6.02 -11.46 -14.02
N GLN F 65 5.97 -12.66 -13.44
CA GLN F 65 5.07 -12.89 -12.33
C GLN F 65 5.63 -12.26 -11.06
N LEU F 66 6.93 -11.96 -11.07
CA LEU F 66 7.57 -11.31 -9.94
C LEU F 66 7.59 -9.79 -10.12
N PHE F 67 6.90 -9.32 -11.15
CA PHE F 67 6.91 -7.91 -11.56
C PHE F 67 6.76 -6.93 -10.41
N LEU F 68 5.67 -7.07 -9.64
CA LEU F 68 5.39 -6.16 -8.54
C LEU F 68 6.50 -6.14 -7.48
N LYS F 69 7.12 -7.28 -7.25
CA LYS F 69 8.12 -7.40 -6.19
C LYS F 69 9.37 -6.57 -6.47
N ASN F 70 9.58 -6.20 -7.73
CA ASN F 70 10.72 -5.36 -8.07
C ASN F 70 10.49 -3.91 -7.67
N PHE F 71 9.23 -3.54 -7.50
CA PHE F 71 8.89 -2.19 -7.09
C PHE F 71 8.80 -2.11 -5.57
N SER F 72 8.26 -3.16 -4.97
CA SER F 72 8.29 -3.32 -3.52
C SER F 72 8.39 -4.81 -3.17
N SER F 73 9.49 -5.19 -2.52
CA SER F 73 9.79 -6.59 -2.27
C SER F 73 8.66 -7.36 -1.57
N SER F 74 7.83 -6.65 -0.82
CA SER F 74 6.75 -7.30 -0.06
C SER F 74 5.46 -7.47 -0.86
N ALA F 75 5.48 -7.09 -2.14
CA ALA F 75 4.29 -7.21 -2.99
C ALA F 75 3.96 -8.67 -3.30
N ARG F 76 2.71 -8.92 -3.69
CA ARG F 76 2.26 -10.25 -4.06
C ARG F 76 2.78 -10.65 -5.43
N VAL F 77 2.84 -11.95 -5.70
CA VAL F 77 3.12 -12.44 -7.04
C VAL F 77 1.90 -12.19 -7.92
N LEU F 78 2.12 -12.03 -9.22
CA LEU F 78 1.00 -11.96 -10.16
C LEU F 78 0.49 -13.37 -10.38
N THR F 79 -0.82 -13.52 -10.57
CA THR F 79 -1.39 -14.82 -10.86
C THR F 79 -0.95 -15.31 -12.23
N SER F 80 -1.10 -16.61 -12.46
CA SER F 80 -0.82 -17.18 -13.77
C SER F 80 -1.57 -16.40 -14.85
N ALA F 81 -2.83 -16.08 -14.59
CA ALA F 81 -3.66 -15.37 -15.55
C ALA F 81 -3.16 -13.95 -15.80
N GLU F 82 -2.86 -13.23 -14.73
CA GLU F 82 -2.33 -11.88 -14.87
C GLU F 82 -1.03 -11.90 -15.66
N THR F 83 -0.19 -12.89 -15.36
CA THR F 83 1.10 -13.00 -16.01
C THR F 83 0.93 -13.30 -17.51
N LYS F 84 -0.03 -14.16 -17.82
CA LYS F 84 -0.32 -14.52 -19.20
C LYS F 84 -0.79 -13.30 -20.01
N ALA F 85 -1.76 -12.57 -19.46
CA ALA F 85 -2.28 -11.37 -20.11
C ALA F 85 -1.20 -10.31 -20.29
N PHE F 86 -0.35 -10.15 -19.28
CA PHE F 86 0.72 -9.16 -19.32
C PHE F 86 1.67 -9.46 -20.48
N LEU F 87 2.08 -10.71 -20.56
CA LEU F 87 2.99 -11.16 -21.61
C LEU F 87 2.34 -10.97 -22.98
N ALA F 88 1.05 -11.26 -23.06
CA ALA F 88 0.34 -11.18 -24.34
C ALA F 88 0.24 -9.74 -24.81
N ALA F 89 0.15 -8.82 -23.86
CA ALA F 89 0.00 -7.40 -24.18
C ALA F 89 1.31 -6.80 -24.72
N GLY F 90 2.42 -7.47 -24.46
CA GLY F 90 3.72 -6.90 -24.79
C GLY F 90 4.61 -7.73 -25.69
N ASP F 91 4.31 -9.02 -25.81
CA ASP F 91 5.16 -9.92 -26.59
C ASP F 91 4.77 -9.91 -28.06
N THR F 92 5.30 -8.94 -28.81
CA THR F 92 4.88 -8.75 -30.20
C THR F 92 5.60 -9.67 -31.19
N ASP F 93 6.79 -10.15 -30.85
CA ASP F 93 7.50 -11.07 -31.74
C ASP F 93 7.19 -12.53 -31.38
N GLY F 94 6.48 -12.72 -30.27
CA GLY F 94 5.95 -14.02 -29.90
C GLY F 94 6.93 -15.09 -29.44
N ASP F 95 8.05 -14.69 -28.85
CA ASP F 95 9.01 -15.67 -28.36
C ASP F 95 8.78 -16.01 -26.89
N GLY F 96 7.66 -15.56 -26.35
CA GLY F 96 7.26 -15.89 -24.99
C GLY F 96 7.97 -15.13 -23.88
N LYS F 97 8.74 -14.11 -24.24
CA LYS F 97 9.40 -13.27 -23.25
C LYS F 97 9.33 -11.80 -23.64
N ILE F 98 9.77 -10.91 -22.76
CA ILE F 98 9.69 -9.48 -23.03
C ILE F 98 11.08 -8.87 -23.20
N GLY F 99 11.35 -8.34 -24.39
CA GLY F 99 12.61 -7.66 -24.66
C GLY F 99 12.56 -6.18 -24.32
N VAL F 100 13.71 -5.51 -24.38
CA VAL F 100 13.79 -4.10 -24.01
C VAL F 100 12.85 -3.21 -24.82
N GLU F 101 12.77 -3.46 -26.12
CA GLU F 101 11.94 -2.64 -27.02
C GLU F 101 10.47 -2.89 -26.75
N GLU F 102 10.12 -4.14 -26.49
CA GLU F 102 8.75 -4.49 -26.15
C GLU F 102 8.35 -3.86 -24.83
N PHE F 103 9.27 -3.83 -23.88
CA PHE F 103 8.99 -3.22 -22.58
C PHE F 103 8.71 -1.73 -22.75
N GLN F 104 9.57 -1.05 -23.51
CA GLN F 104 9.37 0.37 -23.76
C GLN F 104 7.98 0.64 -24.33
N SER F 105 7.51 -0.24 -25.22
CA SER F 105 6.19 -0.10 -25.82
CA SER F 105 6.20 -0.08 -25.81
C SER F 105 5.09 -0.31 -24.79
N LEU F 106 5.28 -1.29 -23.91
CA LEU F 106 4.32 -1.57 -22.85
C LEU F 106 4.15 -0.36 -21.94
N VAL F 107 5.27 0.21 -21.51
CA VAL F 107 5.27 1.32 -20.57
C VAL F 107 4.54 2.53 -21.14
N LYS F 108 4.68 2.74 -22.45
CA LYS F 108 4.01 3.84 -23.13
C LYS F 108 2.63 3.42 -23.63
N ALA G 2 -20.66 20.00 -0.08
CA ALA G 2 -19.35 20.08 0.56
C ALA G 2 -18.25 19.95 -0.48
N ILE G 3 -17.08 20.50 -0.16
CA ILE G 3 -15.93 20.45 -1.07
C ILE G 3 -15.64 19.02 -1.53
N THR G 4 -15.77 18.06 -0.61
CA THR G 4 -15.46 16.68 -0.91
C THR G 4 -16.51 16.01 -1.79
N ASP G 5 -17.52 16.77 -2.21
CA ASP G 5 -18.45 16.30 -3.23
C ASP G 5 -17.75 16.30 -4.58
N ILE G 6 -16.68 17.10 -4.69
CA ILE G 6 -16.01 17.32 -5.96
C ILE G 6 -14.52 16.95 -5.92
N LEU G 7 -13.90 17.14 -4.76
CA LEU G 7 -12.47 16.85 -4.60
C LEU G 7 -12.24 15.76 -3.56
N SER G 8 -11.18 14.97 -3.76
CA SER G 8 -10.79 13.93 -2.81
C SER G 8 -10.07 14.51 -1.59
N ALA G 9 -10.45 14.05 -0.41
CA ALA G 9 -9.77 14.48 0.82
C ALA G 9 -8.30 14.07 0.83
N LYS G 10 -7.96 12.99 0.15
CA LYS G 10 -6.57 12.56 0.05
C LYS G 10 -5.77 13.55 -0.80
N ASP G 11 -6.35 13.99 -1.91
CA ASP G 11 -5.69 14.97 -2.78
C ASP G 11 -5.50 16.29 -2.03
N ILE G 12 -6.53 16.67 -1.26
CA ILE G 12 -6.47 17.89 -0.47
C ILE G 12 -5.36 17.80 0.57
N GLU G 13 -5.19 16.61 1.13
CA GLU G 13 -4.10 16.35 2.07
C GLU G 13 -2.74 16.59 1.43
N SER G 14 -2.51 15.97 0.27
CA SER G 14 -1.26 16.15 -0.45
C SER G 14 -0.98 17.63 -0.73
N ALA G 15 -2.03 18.36 -1.11
CA ALA G 15 -1.89 19.79 -1.41
C ALA G 15 -1.50 20.57 -0.16
N LEU G 16 -2.21 20.32 0.93
CA LEU G 16 -1.96 21.01 2.19
C LEU G 16 -0.61 20.65 2.77
N SER G 17 -0.17 19.42 2.51
CA SER G 17 1.11 18.94 3.04
C SER G 17 2.29 19.78 2.55
N SER G 18 2.18 20.30 1.34
CA SER G 18 3.29 20.97 0.68
C SER G 18 3.33 22.50 0.87
N CYS G 19 2.24 23.07 1.37
CA CYS G 19 2.21 24.52 1.58
C CYS G 19 1.94 24.91 3.02
N GLN G 20 2.48 24.14 3.95
CA GLN G 20 2.29 24.40 5.38
C GLN G 20 2.97 25.68 5.87
N ALA G 21 4.08 26.04 5.24
CA ALA G 21 4.85 27.20 5.69
C ALA G 21 4.25 28.52 5.20
N ALA G 22 4.38 29.56 6.02
CA ALA G 22 3.88 30.87 5.64
C ALA G 22 4.50 31.30 4.30
N ASP G 23 3.66 31.83 3.42
CA ASP G 23 4.10 32.38 2.16
C ASP G 23 4.66 31.34 1.16
N SER G 24 4.20 30.09 1.30
CA SER G 24 4.61 29.04 0.38
C SER G 24 3.50 28.70 -0.61
N PHE G 25 2.35 29.34 -0.45
CA PHE G 25 1.19 29.05 -1.29
C PHE G 25 1.36 29.53 -2.73
N ASN G 26 1.07 28.63 -3.66
CA ASN G 26 0.93 28.99 -5.08
C ASN G 26 -0.40 28.44 -5.56
N TYR G 27 -1.28 29.31 -6.07
CA TYR G 27 -2.64 28.86 -6.40
C TYR G 27 -2.70 27.88 -7.56
N LYS G 28 -1.82 28.03 -8.54
CA LYS G 28 -1.77 27.08 -9.66
C LYS G 28 -1.33 25.69 -9.19
N SER G 29 -0.32 25.67 -8.32
CA SER G 29 0.14 24.42 -7.73
C SER G 29 -0.97 23.76 -6.93
N PHE G 30 -1.63 24.55 -6.09
CA PHE G 30 -2.71 24.03 -5.25
C PHE G 30 -3.85 23.47 -6.10
N PHE G 31 -4.32 24.25 -7.07
CA PHE G 31 -5.41 23.79 -7.94
C PHE G 31 -5.07 22.48 -8.63
N SER G 32 -3.83 22.35 -9.08
CA SER G 32 -3.39 21.14 -9.75
C SER G 32 -3.50 19.95 -8.81
N THR G 33 -2.89 20.07 -7.65
CA THR G 33 -2.79 18.96 -6.72
C THR G 33 -4.14 18.52 -6.16
N VAL G 34 -5.00 19.48 -5.83
CA VAL G 34 -6.34 19.12 -5.34
C VAL G 34 -7.25 18.57 -6.43
N GLY G 35 -6.85 18.71 -7.69
CA GLY G 35 -7.59 18.18 -8.82
C GLY G 35 -8.69 19.07 -9.37
N LEU G 36 -8.57 20.38 -9.14
CA LEU G 36 -9.60 21.30 -9.59
C LEU G 36 -9.42 21.70 -11.06
N SER G 37 -8.18 21.59 -11.55
CA SER G 37 -7.86 22.05 -12.89
CA SER G 37 -7.83 22.03 -12.90
C SER G 37 -8.60 21.31 -14.00
N SER G 38 -8.96 20.05 -13.75
CA SER G 38 -9.65 19.26 -14.76
C SER G 38 -11.18 19.25 -14.58
N LYS G 39 -11.69 20.12 -13.73
CA LYS G 39 -13.12 20.14 -13.45
C LYS G 39 -13.91 21.04 -14.40
N THR G 40 -15.22 20.83 -14.47
CA THR G 40 -16.09 21.59 -15.35
C THR G 40 -16.48 22.93 -14.73
N PRO G 41 -16.95 23.86 -15.56
CA PRO G 41 -17.43 25.17 -15.08
C PRO G 41 -18.43 25.04 -13.92
N ASP G 42 -19.33 24.06 -13.99
CA ASP G 42 -20.32 23.85 -12.93
C ASP G 42 -19.68 23.43 -11.62
N GLN G 43 -18.74 22.48 -11.71
CA GLN G 43 -18.02 22.02 -10.53
C GLN G 43 -17.20 23.16 -9.93
N ILE G 44 -16.57 23.93 -10.80
CA ILE G 44 -15.77 25.07 -10.37
C ILE G 44 -16.66 26.15 -9.77
N LYS G 45 -17.89 26.27 -10.27
CA LYS G 45 -18.86 27.22 -9.72
C LYS G 45 -19.31 26.80 -8.34
N LYS G 46 -19.47 25.49 -8.13
CA LYS G 46 -19.83 25.00 -6.81
C LYS G 46 -18.74 25.33 -5.81
N VAL G 47 -17.50 25.03 -6.18
CA VAL G 47 -16.35 25.39 -5.36
C VAL G 47 -16.39 26.88 -5.03
N PHE G 48 -16.68 27.69 -6.04
CA PHE G 48 -16.79 29.13 -5.84
C PHE G 48 -17.88 29.43 -4.80
N GLY G 49 -19.00 28.74 -4.93
CA GLY G 49 -20.12 28.93 -4.02
C GLY G 49 -19.75 28.68 -2.57
N ILE G 50 -18.91 27.66 -2.35
CA ILE G 50 -18.47 27.32 -1.01
C ILE G 50 -17.49 28.35 -0.44
N LEU G 51 -16.58 28.84 -1.28
CA LEU G 51 -15.61 29.85 -0.86
C LEU G 51 -16.34 31.16 -0.54
N ASP G 52 -17.45 31.39 -1.25
CA ASP G 52 -18.29 32.55 -1.06
C ASP G 52 -19.12 32.33 0.21
N GLN G 53 -18.46 32.48 1.36
CA GLN G 53 -19.06 32.08 2.63
C GLN G 53 -20.33 32.84 3.01
N ASP G 54 -20.34 34.15 2.79
CA ASP G 54 -21.50 34.96 3.18
C ASP G 54 -22.54 35.03 2.05
N LYS G 55 -22.26 34.32 0.96
CA LYS G 55 -23.20 34.20 -0.15
C LYS G 55 -23.53 35.56 -0.77
N SER G 56 -22.51 36.39 -0.91
CA SER G 56 -22.70 37.71 -1.52
C SER G 56 -22.60 37.63 -3.04
N GLY G 57 -22.15 36.49 -3.54
CA GLY G 57 -21.97 36.31 -4.97
C GLY G 57 -20.55 36.64 -5.45
N PHE G 58 -19.72 37.10 -4.52
CA PHE G 58 -18.33 37.41 -4.85
C PHE G 58 -17.41 36.82 -3.79
N ILE G 59 -16.14 36.66 -4.11
CA ILE G 59 -15.17 36.24 -3.12
C ILE G 59 -14.36 37.44 -2.68
N GLU G 60 -14.71 37.99 -1.52
CA GLU G 60 -14.02 39.15 -0.98
C GLU G 60 -12.74 38.72 -0.27
N GLU G 61 -11.80 39.66 -0.13
CA GLU G 61 -10.47 39.37 0.38
C GLU G 61 -10.43 38.52 1.65
N GLU G 62 -11.27 38.87 2.63
CA GLU G 62 -11.28 38.13 3.89
C GLU G 62 -11.68 36.67 3.68
N GLU G 63 -12.46 36.43 2.63
CA GLU G 63 -12.85 35.07 2.28
C GLU G 63 -11.71 34.34 1.56
N LEU G 64 -10.90 35.12 0.86
CA LEU G 64 -9.74 34.58 0.16
C LEU G 64 -8.66 34.17 1.17
N GLN G 65 -8.59 34.89 2.28
CA GLN G 65 -7.64 34.56 3.34
C GLN G 65 -7.98 33.22 3.96
N LEU G 66 -9.26 32.84 3.90
CA LEU G 66 -9.71 31.59 4.48
C LEU G 66 -9.79 30.50 3.42
N PHE G 67 -9.23 30.79 2.25
CA PHE G 67 -9.28 29.89 1.10
C PHE G 67 -9.02 28.43 1.49
N LEU G 68 -7.89 28.17 2.13
CA LEU G 68 -7.48 26.82 2.48
C LEU G 68 -8.49 26.11 3.39
N LYS G 69 -9.09 26.87 4.30
CA LYS G 69 -10.02 26.32 5.28
C LYS G 69 -11.26 25.71 4.64
N ASN G 70 -11.55 26.11 3.40
CA ASN G 70 -12.69 25.54 2.69
C ASN G 70 -12.44 24.10 2.26
N PHE G 71 -11.17 23.74 2.10
CA PHE G 71 -10.80 22.40 1.67
C PHE G 71 -10.58 21.48 2.86
N SER G 72 -10.02 22.03 3.94
CA SER G 72 -9.92 21.34 5.21
C SER G 72 -10.00 22.36 6.33
N SER G 73 -10.97 22.20 7.23
CA SER G 73 -11.16 23.16 8.30
C SER G 73 -9.92 23.29 9.17
N SER G 74 -9.04 22.28 9.11
CA SER G 74 -7.82 22.28 9.90
C SER G 74 -6.70 23.08 9.24
N ALA G 75 -6.96 23.60 8.05
CA ALA G 75 -5.95 24.32 7.28
C ALA G 75 -5.63 25.70 7.85
N ARG G 76 -4.45 26.22 7.51
CA ARG G 76 -4.00 27.51 8.00
C ARG G 76 -4.65 28.66 7.25
N VAL G 77 -4.64 29.84 7.87
CA VAL G 77 -5.01 31.07 7.19
C VAL G 77 -3.87 31.49 6.28
N LEU G 78 -4.20 32.02 5.11
CA LEU G 78 -3.18 32.52 4.20
C LEU G 78 -2.66 33.87 4.72
N THR G 79 -1.38 34.13 4.46
CA THR G 79 -0.76 35.38 4.89
C THR G 79 -1.30 36.55 4.07
N SER G 80 -1.02 37.77 4.52
CA SER G 80 -1.45 38.96 3.80
C SER G 80 -0.82 39.02 2.41
N ALA G 81 0.45 38.67 2.32
CA ALA G 81 1.15 38.64 1.04
C ALA G 81 0.53 37.60 0.11
N GLU G 82 0.28 36.40 0.64
CA GLU G 82 -0.32 35.34 -0.14
C GLU G 82 -1.70 35.77 -0.65
N THR G 83 -2.50 36.33 0.26
CA THR G 83 -3.83 36.77 -0.10
C THR G 83 -3.79 37.87 -1.15
N LYS G 84 -2.84 38.79 -1.00
CA LYS G 84 -2.70 39.90 -1.94
C LYS G 84 -2.38 39.41 -3.35
N ALA G 85 -1.39 38.53 -3.46
CA ALA G 85 -0.98 38.00 -4.76
C ALA G 85 -2.12 37.21 -5.39
N PHE G 86 -2.88 36.51 -4.55
CA PHE G 86 -4.02 35.72 -5.03
C PHE G 86 -5.08 36.63 -5.63
N LEU G 87 -5.55 37.59 -4.83
CA LEU G 87 -6.55 38.54 -5.29
C LEU G 87 -6.08 39.26 -6.54
N ALA G 88 -4.82 39.68 -6.54
CA ALA G 88 -4.24 40.37 -7.69
C ALA G 88 -4.32 39.54 -8.96
N ALA G 89 -4.06 38.26 -8.85
CA ALA G 89 -4.08 37.37 -10.01
C ALA G 89 -5.50 37.17 -10.53
N GLY G 90 -6.47 37.19 -9.63
CA GLY G 90 -7.84 36.88 -9.98
C GLY G 90 -8.73 38.05 -10.31
N ASP G 91 -8.46 39.20 -9.70
CA ASP G 91 -9.30 40.38 -9.87
C ASP G 91 -8.93 41.18 -11.11
N THR G 92 -9.33 40.67 -12.28
CA THR G 92 -8.93 41.28 -13.55
C THR G 92 -9.73 42.53 -13.92
N ASP G 93 -10.91 42.70 -13.30
CA ASP G 93 -11.70 43.91 -13.56
C ASP G 93 -11.59 44.92 -12.41
N GLY G 94 -10.67 44.64 -11.49
CA GLY G 94 -10.32 45.57 -10.43
C GLY G 94 -11.44 46.17 -9.60
N ASP G 95 -12.42 45.36 -9.21
CA ASP G 95 -13.44 45.84 -8.30
C ASP G 95 -13.13 45.43 -6.86
N GLY G 96 -11.96 44.83 -6.66
CA GLY G 96 -11.48 44.47 -5.35
C GLY G 96 -11.91 43.10 -4.84
N LYS G 97 -12.65 42.36 -5.66
CA LYS G 97 -13.14 41.04 -5.26
C LYS G 97 -13.01 40.05 -6.41
N ILE G 98 -13.31 38.78 -6.16
CA ILE G 98 -13.25 37.79 -7.23
C ILE G 98 -14.65 37.29 -7.58
N GLY G 99 -15.03 37.44 -8.85
CA GLY G 99 -16.32 36.98 -9.33
C GLY G 99 -16.23 35.57 -9.87
N VAL G 100 -17.37 34.98 -10.19
CA VAL G 100 -17.38 33.59 -10.66
C VAL G 100 -16.58 33.39 -11.94
N GLU G 101 -16.66 34.35 -12.86
CA GLU G 101 -15.94 34.26 -14.12
C GLU G 101 -14.43 34.36 -13.90
N GLU G 102 -14.04 35.21 -12.99
CA GLU G 102 -12.62 35.38 -12.65
C GLU G 102 -12.06 34.15 -11.95
N PHE G 103 -12.88 33.51 -11.12
CA PHE G 103 -12.44 32.30 -10.44
C PHE G 103 -12.23 31.15 -11.43
N GLN G 104 -13.13 31.04 -12.40
CA GLN G 104 -12.95 30.03 -13.45
C GLN G 104 -11.66 30.28 -14.22
N SER G 105 -11.34 31.54 -14.47
CA SER G 105 -10.14 31.89 -15.20
C SER G 105 -8.89 31.49 -14.41
N LEU G 106 -8.92 31.75 -13.11
CA LEU G 106 -7.83 31.35 -12.22
C LEU G 106 -7.59 29.86 -12.31
N VAL G 107 -8.67 29.08 -12.26
CA VAL G 107 -8.56 27.63 -12.32
C VAL G 107 -8.09 27.18 -13.71
N LYS G 108 -8.73 27.70 -14.76
CA LYS G 108 -8.44 27.28 -16.12
C LYS G 108 -7.31 28.10 -16.74
N ALA H 2 -31.82 3.41 -15.57
CA ALA H 2 -30.95 3.37 -14.40
C ALA H 2 -29.87 2.31 -14.59
N ILE H 3 -28.73 2.50 -13.92
CA ILE H 3 -27.63 1.55 -14.05
C ILE H 3 -28.04 0.20 -13.45
N THR H 4 -28.99 0.24 -12.51
CA THR H 4 -29.51 -0.97 -11.88
C THR H 4 -30.42 -1.77 -12.80
N ASP H 5 -30.64 -1.29 -14.02
CA ASP H 5 -31.36 -2.06 -15.03
C ASP H 5 -30.43 -3.16 -15.56
N ILE H 6 -29.14 -2.95 -15.40
CA ILE H 6 -28.12 -3.87 -15.91
C ILE H 6 -27.33 -4.53 -14.79
N LEU H 7 -27.06 -3.76 -13.74
CA LEU H 7 -26.26 -4.27 -12.63
C LEU H 7 -27.12 -4.48 -11.39
N SER H 8 -26.66 -5.36 -10.51
CA SER H 8 -27.33 -5.63 -9.25
C SER H 8 -26.98 -4.58 -8.19
N ALA H 9 -27.97 -4.14 -7.44
CA ALA H 9 -27.75 -3.16 -6.38
C ALA H 9 -26.90 -3.76 -5.26
N LYS H 10 -27.16 -5.03 -4.94
CA LYS H 10 -26.37 -5.74 -3.93
C LYS H 10 -24.89 -5.77 -4.32
N ASP H 11 -24.63 -6.06 -5.58
CA ASP H 11 -23.27 -6.18 -6.10
C ASP H 11 -22.53 -4.85 -6.05
N ILE H 12 -23.22 -3.80 -6.48
CA ILE H 12 -22.69 -2.45 -6.44
C ILE H 12 -22.33 -2.10 -5.00
N GLU H 13 -23.21 -2.48 -4.08
CA GLU H 13 -23.03 -2.18 -2.67
C GLU H 13 -21.77 -2.83 -2.12
N SER H 14 -21.51 -4.07 -2.54
CA SER H 14 -20.33 -4.79 -2.09
C SER H 14 -19.06 -4.20 -2.70
N ALA H 15 -19.11 -3.79 -3.96
CA ALA H 15 -17.97 -3.17 -4.62
C ALA H 15 -17.61 -1.82 -4.00
N LEU H 16 -18.62 -1.05 -3.60
CA LEU H 16 -18.37 0.22 -2.93
C LEU H 16 -17.74 -0.03 -1.56
N SER H 17 -18.18 -1.09 -0.89
CA SER H 17 -17.64 -1.42 0.43
CA SER H 17 -17.64 -1.43 0.43
C SER H 17 -16.15 -1.72 0.31
N SER H 18 -15.77 -2.38 -0.76
CA SER H 18 -14.38 -2.80 -0.95
C SER H 18 -13.43 -1.66 -1.32
N CYS H 19 -13.94 -0.58 -1.90
CA CYS H 19 -13.07 0.54 -2.26
C CYS H 19 -13.30 1.77 -1.40
N GLN H 20 -13.77 1.56 -0.18
CA GLN H 20 -14.00 2.66 0.76
C GLN H 20 -12.76 3.53 0.98
N ALA H 21 -11.61 2.89 1.15
CA ALA H 21 -10.39 3.62 1.48
C ALA H 21 -9.80 4.28 0.24
N ALA H 22 -9.19 5.45 0.44
CA ALA H 22 -8.50 6.13 -0.65
C ALA H 22 -7.40 5.24 -1.23
N ASP H 23 -7.28 5.27 -2.56
CA ASP H 23 -6.28 4.47 -3.28
C ASP H 23 -6.48 2.96 -3.16
N SER H 24 -7.72 2.56 -2.88
CA SER H 24 -8.06 1.15 -2.85
C SER H 24 -8.94 0.81 -4.04
N PHE H 25 -9.39 1.83 -4.77
CA PHE H 25 -10.22 1.58 -5.93
C PHE H 25 -9.42 1.05 -7.10
N ASN H 26 -10.02 0.12 -7.81
CA ASN H 26 -9.45 -0.42 -9.05
CA ASN H 26 -9.49 -0.22 -9.11
C ASN H 26 -10.58 -0.85 -9.99
N TYR H 27 -10.63 -0.30 -11.20
CA TYR H 27 -11.73 -0.56 -12.12
C TYR H 27 -11.98 -2.05 -12.33
N LYS H 28 -10.90 -2.82 -12.41
CA LYS H 28 -11.00 -4.23 -12.72
C LYS H 28 -11.72 -5.01 -11.61
N SER H 29 -11.39 -4.71 -10.36
CA SER H 29 -12.03 -5.38 -9.24
C SER H 29 -13.49 -4.95 -9.13
N PHE H 30 -13.73 -3.66 -9.40
CA PHE H 30 -15.07 -3.11 -9.35
C PHE H 30 -15.95 -3.75 -10.42
N PHE H 31 -15.51 -3.66 -11.66
CA PHE H 31 -16.21 -4.29 -12.78
C PHE H 31 -16.55 -5.74 -12.48
N SER H 32 -15.56 -6.46 -11.95
CA SER H 32 -15.73 -7.88 -11.62
C SER H 32 -16.85 -8.08 -10.62
N THR H 33 -16.78 -7.35 -9.51
CA THR H 33 -17.76 -7.50 -8.44
C THR H 33 -19.19 -7.24 -8.91
N VAL H 34 -19.37 -6.31 -9.83
CA VAL H 34 -20.70 -6.02 -10.35
C VAL H 34 -21.02 -6.84 -11.59
N GLY H 35 -20.10 -7.71 -11.98
CA GLY H 35 -20.29 -8.61 -13.10
C GLY H 35 -20.52 -7.92 -14.43
N LEU H 36 -19.85 -6.79 -14.62
CA LEU H 36 -20.00 -6.00 -15.84
C LEU H 36 -19.30 -6.64 -17.03
N SER H 37 -18.46 -7.64 -16.75
CA SER H 37 -17.66 -8.28 -17.79
C SER H 37 -18.47 -9.22 -18.69
N SER H 38 -19.47 -9.87 -18.10
CA SER H 38 -20.29 -10.82 -18.83
C SER H 38 -21.51 -10.16 -19.49
N LYS H 39 -21.51 -8.83 -19.51
CA LYS H 39 -22.61 -8.08 -20.11
C LYS H 39 -22.50 -8.02 -21.63
N THR H 40 -23.64 -7.86 -22.29
CA THR H 40 -23.67 -7.75 -23.75
C THR H 40 -23.10 -6.40 -24.17
N PRO H 41 -22.47 -6.37 -25.36
CA PRO H 41 -21.93 -5.11 -25.90
C PRO H 41 -23.00 -4.03 -25.95
N ASP H 42 -24.24 -4.45 -26.16
CA ASP H 42 -25.38 -3.54 -26.10
C ASP H 42 -25.55 -3.01 -24.68
N GLN H 43 -25.52 -3.91 -23.70
CA GLN H 43 -25.63 -3.53 -22.30
C GLN H 43 -24.51 -2.58 -21.90
N ILE H 44 -23.30 -2.91 -22.35
CA ILE H 44 -22.13 -2.12 -22.02
C ILE H 44 -22.21 -0.71 -22.60
N LYS H 45 -22.76 -0.60 -23.80
CA LYS H 45 -22.95 0.70 -24.45
C LYS H 45 -23.94 1.56 -23.66
N LYS H 46 -24.93 0.90 -23.07
CA LYS H 46 -25.90 1.57 -22.22
C LYS H 46 -25.24 2.13 -20.97
N VAL H 47 -24.43 1.30 -20.32
CA VAL H 47 -23.68 1.74 -19.14
C VAL H 47 -22.85 2.97 -19.48
N PHE H 48 -22.19 2.92 -20.62
CA PHE H 48 -21.37 4.04 -21.10
C PHE H 48 -22.21 5.33 -21.20
N GLY H 49 -23.41 5.22 -21.77
CA GLY H 49 -24.29 6.35 -21.89
C GLY H 49 -24.62 6.99 -20.55
N ILE H 50 -24.56 6.19 -19.49
CA ILE H 50 -24.83 6.69 -18.15
C ILE H 50 -23.61 7.38 -17.55
N LEU H 51 -22.46 6.71 -17.63
CA LEU H 51 -21.21 7.25 -17.09
C LEU H 51 -20.86 8.56 -17.77
N ASP H 52 -21.09 8.63 -19.07
CA ASP H 52 -20.96 9.87 -19.82
C ASP H 52 -22.13 10.78 -19.45
N GLN H 53 -21.99 11.50 -18.35
CA GLN H 53 -23.12 12.21 -17.75
C GLN H 53 -23.63 13.44 -18.51
N ASP H 54 -22.77 14.11 -19.25
CA ASP H 54 -23.19 15.29 -20.01
C ASP H 54 -23.39 14.94 -21.48
N LYS H 55 -23.41 13.64 -21.77
CA LYS H 55 -23.59 13.15 -23.14
C LYS H 55 -22.70 13.88 -24.13
N SER H 56 -21.43 14.05 -23.79
CA SER H 56 -20.50 14.68 -24.71
C SER H 56 -19.99 13.64 -25.70
N GLY H 57 -20.35 12.38 -25.46
CA GLY H 57 -19.88 11.29 -26.31
C GLY H 57 -18.58 10.68 -25.81
N PHE H 58 -18.12 11.14 -24.64
CA PHE H 58 -16.89 10.63 -24.06
C PHE H 58 -16.95 10.69 -22.53
N ILE H 59 -16.28 9.76 -21.87
CA ILE H 59 -16.12 9.87 -20.43
C ILE H 59 -14.83 10.64 -20.13
N GLU H 60 -14.96 11.93 -19.84
CA GLU H 60 -13.79 12.75 -19.56
C GLU H 60 -13.19 12.38 -18.20
N GLU H 61 -12.00 12.92 -17.95
CA GLU H 61 -11.29 12.62 -16.71
C GLU H 61 -12.15 12.84 -15.47
N GLU H 62 -12.83 14.00 -15.40
CA GLU H 62 -13.64 14.29 -14.21
C GLU H 62 -14.73 13.25 -14.00
N GLU H 63 -15.29 12.73 -15.07
CA GLU H 63 -16.33 11.71 -14.95
C GLU H 63 -15.80 10.36 -14.47
N LEU H 64 -14.49 10.16 -14.63
CA LEU H 64 -13.86 8.99 -14.07
C LEU H 64 -13.56 9.25 -12.60
N GLN H 65 -13.07 10.45 -12.30
CA GLN H 65 -12.76 10.79 -10.92
C GLN H 65 -14.03 10.76 -10.06
N LEU H 66 -15.17 11.09 -10.67
CA LEU H 66 -16.45 11.02 -9.98
C LEU H 66 -17.24 9.76 -10.37
N PHE H 67 -16.50 8.72 -10.78
CA PHE H 67 -17.10 7.47 -11.21
C PHE H 67 -18.08 6.89 -10.19
N LEU H 68 -17.75 6.97 -8.91
CA LEU H 68 -18.57 6.38 -7.86
C LEU H 68 -19.90 7.12 -7.65
N LYS H 69 -19.97 8.39 -8.06
CA LYS H 69 -21.17 9.20 -7.90
C LYS H 69 -22.37 8.64 -8.68
N ASN H 70 -22.08 7.84 -9.69
CA ASN H 70 -23.12 7.18 -10.48
C ASN H 70 -23.86 6.14 -9.66
N PHE H 71 -23.26 5.74 -8.55
CA PHE H 71 -23.81 4.67 -7.73
C PHE H 71 -24.34 5.18 -6.40
N SER H 72 -23.78 6.28 -5.94
CA SER H 72 -24.27 6.92 -4.72
C SER H 72 -23.76 8.35 -4.64
N SER H 73 -24.68 9.27 -4.38
CA SER H 73 -24.32 10.67 -4.21
C SER H 73 -23.34 10.88 -3.06
N SER H 74 -23.30 9.95 -2.11
CA SER H 74 -22.42 10.10 -0.97
C SER H 74 -21.14 9.26 -1.07
N ALA H 75 -20.90 8.66 -2.23
CA ALA H 75 -19.69 7.87 -2.45
C ALA H 75 -18.50 8.81 -2.58
N ARG H 76 -17.30 8.31 -2.29
CA ARG H 76 -16.13 9.18 -2.31
C ARG H 76 -15.67 9.53 -3.72
N VAL H 77 -15.04 10.68 -3.83
CA VAL H 77 -14.36 11.08 -5.05
C VAL H 77 -13.05 10.30 -5.10
N LEU H 78 -12.71 9.79 -6.28
CA LEU H 78 -11.48 9.02 -6.42
C LEU H 78 -10.28 9.94 -6.32
N THR H 79 -9.16 9.41 -5.82
CA THR H 79 -7.92 10.17 -5.77
C THR H 79 -7.40 10.42 -7.17
N SER H 80 -6.48 11.35 -7.32
CA SER H 80 -5.93 11.66 -8.63
C SER H 80 -5.16 10.47 -9.21
N ALA H 81 -4.57 9.66 -8.33
CA ALA H 81 -3.85 8.47 -8.75
C ALA H 81 -4.80 7.41 -9.30
N GLU H 82 -5.86 7.12 -8.54
CA GLU H 82 -6.88 6.19 -9.00
C GLU H 82 -7.45 6.68 -10.33
N THR H 83 -7.63 7.99 -10.45
CA THR H 83 -8.22 8.58 -11.65
C THR H 83 -7.34 8.40 -12.88
N LYS H 84 -6.06 8.69 -12.73
CA LYS H 84 -5.11 8.50 -13.83
C LYS H 84 -4.97 7.02 -14.17
N ALA H 85 -4.96 6.17 -13.15
CA ALA H 85 -4.88 4.73 -13.35
C ALA H 85 -6.05 4.23 -14.17
N PHE H 86 -7.25 4.69 -13.81
CA PHE H 86 -8.48 4.30 -14.48
C PHE H 86 -8.42 4.75 -15.93
N LEU H 87 -8.08 6.02 -16.12
CA LEU H 87 -7.99 6.59 -17.46
C LEU H 87 -6.96 5.84 -18.29
N ALA H 88 -5.79 5.58 -17.71
CA ALA H 88 -4.71 4.92 -18.42
C ALA H 88 -5.13 3.54 -18.93
N ALA H 89 -5.96 2.86 -18.16
CA ALA H 89 -6.44 1.55 -18.54
C ALA H 89 -7.33 1.60 -19.78
N GLY H 90 -8.20 2.60 -19.84
CA GLY H 90 -9.19 2.66 -20.90
C GLY H 90 -8.82 3.51 -22.11
N ASP H 91 -7.94 4.48 -21.90
CA ASP H 91 -7.61 5.46 -22.94
C ASP H 91 -6.56 4.94 -23.92
N THR H 92 -6.95 4.00 -24.78
CA THR H 92 -6.02 3.41 -25.74
C THR H 92 -5.54 4.42 -26.78
N ASP H 93 -6.45 5.22 -27.31
CA ASP H 93 -6.09 6.18 -28.36
C ASP H 93 -5.39 7.43 -27.81
N GLY H 94 -5.32 7.52 -26.48
CA GLY H 94 -4.50 8.53 -25.83
C GLY H 94 -4.94 9.97 -25.97
N ASP H 95 -6.25 10.21 -26.04
CA ASP H 95 -6.77 11.57 -26.16
C ASP H 95 -7.17 12.15 -24.79
N GLY H 96 -6.92 11.39 -23.73
CA GLY H 96 -7.20 11.85 -22.38
C GLY H 96 -8.63 11.66 -21.91
N LYS H 97 -9.44 10.99 -22.72
CA LYS H 97 -10.82 10.67 -22.35
C LYS H 97 -11.14 9.27 -22.83
N ILE H 98 -12.33 8.76 -22.53
CA ILE H 98 -12.69 7.41 -22.95
C ILE H 98 -13.95 7.37 -23.81
N GLY H 99 -13.79 6.87 -25.03
CA GLY H 99 -14.90 6.76 -25.96
C GLY H 99 -15.66 5.45 -25.78
N VAL H 100 -16.74 5.28 -26.54
CA VAL H 100 -17.60 4.11 -26.40
C VAL H 100 -16.87 2.80 -26.73
N GLU H 101 -16.12 2.80 -27.82
CA GLU H 101 -15.40 1.59 -28.24
C GLU H 101 -14.40 1.17 -27.17
N GLU H 102 -13.62 2.13 -26.70
CA GLU H 102 -12.59 1.86 -25.69
C GLU H 102 -13.19 1.33 -24.40
N PHE H 103 -14.32 1.89 -23.99
CA PHE H 103 -14.97 1.42 -22.78
C PHE H 103 -15.32 -0.05 -22.97
N GLN H 104 -15.71 -0.39 -24.18
CA GLN H 104 -16.08 -1.77 -24.49
C GLN H 104 -14.88 -2.70 -24.43
N SER H 105 -13.75 -2.28 -25.03
CA SER H 105 -12.50 -3.05 -24.92
C SER H 105 -12.08 -3.18 -23.47
N LEU H 106 -12.22 -2.08 -22.73
CA LEU H 106 -11.83 -2.05 -21.33
C LEU H 106 -12.62 -3.05 -20.50
N VAL H 107 -13.93 -3.08 -20.72
CA VAL H 107 -14.81 -3.97 -19.98
C VAL H 107 -14.55 -5.43 -20.31
N LYS H 108 -13.96 -5.67 -21.49
CA LYS H 108 -13.72 -7.02 -21.96
C LYS H 108 -12.31 -7.51 -21.69
N ALA H 109 -11.38 -6.60 -21.48
CA ALA H 109 -9.98 -6.95 -21.24
C ALA H 109 -9.81 -7.74 -19.95
#